data_7H8Y
#
_entry.id   7H8Y
#
_cell.length_a   87.459
_cell.length_b   87.459
_cell.length_c   84.596
_cell.angle_alpha   90.00
_cell.angle_beta   90.00
_cell.angle_gamma   120.00
#
_symmetry.space_group_name_H-M   'P 31'
#
loop_
_entity.id
_entity.type
_entity.pdbx_description
1 polymer 'Non-structural protein 3'
2 non-polymer 'DIMETHYL SULFOXIDE'
3 non-polymer 'CHLORIDE ION'
4 non-polymer ISATIN
5 water water
#
_entity_poly.entity_id   1
_entity_poly.type   'polypeptide(L)'
_entity_poly.pdbx_seq_one_letter_code
;GAMAPSYRVKRMDIAKNDEECVVNAANPRGLPGDGVCKAVYKKWPESFKNSATPVGTAKTVMCGTYPVIHAVGPNFSNYT
ESEGDRELAAAYREVAKEVTRLGVNSVAIPLLSTGVYSGGKDRLTQSLNHLFTAMDSTDADVVIYCRDKEWEKKISEAIQ
MRT
;
_entity_poly.pdbx_strand_id   A,B,C,D
#
loop_
_chem_comp.id
_chem_comp.type
_chem_comp.name
_chem_comp.formula
CL non-polymer 'CHLORIDE ION' 'Cl -1'
DMS non-polymer 'DIMETHYL SULFOXIDE' 'C2 H6 O S'
ISN non-polymer ISATIN 'C8 H5 N O2'
#
# COMPACT_ATOMS: atom_id res chain seq x y z
N GLY A 1 8.85 -21.10 3.13
CA GLY A 1 9.37 -22.49 2.83
C GLY A 1 9.05 -22.97 1.43
N ALA A 2 9.76 -22.44 0.41
CA ALA A 2 9.57 -22.71 -1.05
C ALA A 2 9.90 -24.17 -1.39
N MET A 3 9.17 -24.77 -2.34
CA MET A 3 9.04 -26.23 -2.59
C MET A 3 10.30 -26.83 -3.23
N ALA A 4 10.89 -26.14 -4.21
CA ALA A 4 12.20 -26.46 -4.84
C ALA A 4 13.05 -25.20 -4.86
N PRO A 5 13.72 -24.87 -3.73
CA PRO A 5 14.51 -23.64 -3.61
C PRO A 5 15.52 -23.42 -4.77
N SER A 6 15.33 -22.36 -5.57
CA SER A 6 16.19 -22.00 -6.72
C SER A 6 16.94 -20.67 -6.48
N TYR A 7 17.90 -20.38 -7.37
CA TYR A 7 18.58 -19.07 -7.56
C TYR A 7 18.27 -18.60 -8.96
N ARG A 8 17.87 -17.35 -9.13
CA ARG A 8 17.74 -16.71 -10.45
C ARG A 8 18.41 -15.35 -10.40
N VAL A 9 18.68 -14.74 -11.55
CA VAL A 9 19.20 -13.36 -11.62
C VAL A 9 18.31 -12.56 -12.57
N LYS A 10 18.16 -11.26 -12.31
CA LYS A 10 17.40 -10.33 -13.19
C LYS A 10 18.17 -9.01 -13.27
N ARG A 11 18.06 -8.36 -14.42
CA ARG A 11 18.67 -7.04 -14.67
C ARG A 11 17.53 -6.01 -14.68
N MET A 12 17.31 -5.36 -13.54
CA MET A 12 16.29 -4.30 -13.33
C MET A 12 16.44 -3.75 -11.92
N ASP A 13 15.78 -2.60 -11.70
CA ASP A 13 15.61 -1.94 -10.38
C ASP A 13 14.96 -2.92 -9.40
N ILE A 14 15.70 -3.26 -8.33
CA ILE A 14 15.20 -4.09 -7.20
C ILE A 14 13.90 -3.53 -6.59
N ALA A 15 13.65 -2.22 -6.68
CA ALA A 15 12.44 -1.56 -6.16
C ALA A 15 11.18 -2.11 -6.86
N LYS A 16 11.35 -2.89 -7.93
CA LYS A 16 10.26 -3.44 -8.76
C LYS A 16 10.29 -4.96 -8.71
N ASN A 17 10.86 -5.51 -7.66
CA ASN A 17 11.00 -6.98 -7.48
C ASN A 17 9.61 -7.60 -7.29
N ASP A 18 9.51 -8.90 -7.61
CA ASP A 18 8.29 -9.75 -7.42
C ASP A 18 8.55 -10.79 -6.34
N GLU A 19 9.26 -10.42 -5.27
CA GLU A 19 9.59 -11.36 -4.16
C GLU A 19 8.86 -10.87 -2.90
N GLU A 20 8.80 -11.71 -1.87
CA GLU A 20 8.07 -11.40 -0.61
C GLU A 20 8.89 -10.50 0.34
N CYS A 21 10.17 -10.23 0.05
CA CYS A 21 10.95 -9.20 0.82
C CYS A 21 12.13 -8.76 -0.03
N VAL A 22 12.75 -7.66 0.34
CA VAL A 22 13.89 -7.03 -0.40
C VAL A 22 15.05 -6.83 0.58
N VAL A 23 16.26 -7.02 0.10
CA VAL A 23 17.51 -6.67 0.84
C VAL A 23 17.96 -5.32 0.28
N ASN A 24 18.01 -4.29 1.12
CA ASN A 24 18.65 -2.97 0.79
C ASN A 24 20.16 -3.07 1.03
N ALA A 25 20.95 -2.72 0.03
CA ALA A 25 22.41 -2.54 0.20
C ALA A 25 22.62 -1.23 0.97
N ALA A 26 22.65 -1.32 2.28
CA ALA A 26 22.47 -0.15 3.18
C ALA A 26 23.82 0.44 3.59
N ASN A 27 23.79 1.69 4.02
CA ASN A 27 24.92 2.34 4.74
C ASN A 27 24.65 2.18 6.23
N PRO A 28 25.70 2.21 7.09
CA PRO A 28 25.53 1.95 8.52
C PRO A 28 24.72 2.99 9.30
N ARG A 29 24.49 4.19 8.74
CA ARG A 29 23.82 5.32 9.44
C ARG A 29 22.34 5.37 9.09
N GLY A 30 21.86 4.49 8.20
CA GLY A 30 20.45 4.44 7.79
C GLY A 30 20.03 5.62 6.92
N LEU A 31 20.97 6.16 6.13
CA LEU A 31 20.73 7.31 5.22
C LEU A 31 20.30 6.80 3.85
N PRO A 32 19.48 7.58 3.10
CA PRO A 32 19.03 7.17 1.77
C PRO A 32 20.17 6.78 0.80
N GLY A 33 21.29 7.51 0.84
CA GLY A 33 22.48 7.24 0.00
C GLY A 33 22.17 7.25 -1.49
N ASP A 34 22.89 6.44 -2.27
CA ASP A 34 22.76 6.34 -3.76
C ASP A 34 22.86 4.87 -4.17
N GLY A 35 22.52 4.57 -5.42
CA GLY A 35 22.50 3.21 -6.00
C GLY A 35 21.22 2.47 -5.63
N VAL A 36 21.32 1.17 -5.30
CA VAL A 36 20.19 0.32 -4.79
C VAL A 36 19.45 1.11 -3.70
N CYS A 37 20.17 1.55 -2.66
CA CYS A 37 19.64 2.20 -1.42
C CYS A 37 18.75 3.42 -1.76
N LYS A 38 18.98 4.08 -2.91
CA LYS A 38 18.24 5.30 -3.32
C LYS A 38 16.86 4.93 -3.89
N ALA A 39 16.80 4.06 -4.90
CA ALA A 39 15.55 3.50 -5.45
C ALA A 39 14.74 2.88 -4.32
N VAL A 40 15.41 2.20 -3.38
CA VAL A 40 14.80 1.54 -2.19
C VAL A 40 14.16 2.62 -1.32
N TYR A 41 14.86 3.73 -1.07
CA TYR A 41 14.35 4.86 -0.25
C TYR A 41 13.08 5.48 -0.85
N LYS A 42 13.04 5.58 -2.18
CA LYS A 42 11.90 6.12 -2.98
C LYS A 42 10.69 5.18 -2.83
N LYS A 43 10.92 3.87 -2.99
CA LYS A 43 9.84 2.84 -2.95
C LYS A 43 9.33 2.61 -1.52
N TRP A 44 10.23 2.57 -0.52
CA TRP A 44 9.85 2.14 0.85
C TRP A 44 10.41 3.12 1.89
N PRO A 45 10.11 4.44 1.79
CA PRO A 45 10.71 5.42 2.70
C PRO A 45 10.49 5.14 4.21
N GLU A 46 9.33 4.55 4.56
CA GLU A 46 8.98 4.22 5.97
C GLU A 46 10.02 3.25 6.54
N SER A 47 10.60 2.39 5.69
CA SER A 47 11.52 1.29 6.11
C SER A 47 12.82 1.86 6.68
N PHE A 48 13.10 3.15 6.45
CA PHE A 48 14.33 3.82 6.92
C PHE A 48 14.21 4.37 8.36
N LYS A 49 13.07 4.18 9.01
CA LYS A 49 12.84 4.51 10.46
C LYS A 49 13.68 3.56 11.32
N ASN A 50 14.70 4.08 12.01
CA ASN A 50 15.62 3.32 12.88
C ASN A 50 16.22 2.14 12.11
N SER A 51 16.70 2.37 10.88
CA SER A 51 17.30 1.33 10.01
C SER A 51 18.82 1.25 10.22
N ALA A 52 19.41 2.22 10.92
CA ALA A 52 20.87 2.25 11.17
C ALA A 52 21.29 0.95 11.85
N THR A 53 22.37 0.32 11.37
CA THR A 53 22.91 -0.97 11.88
C THR A 53 24.40 -1.08 11.51
N PRO A 54 25.24 -1.71 12.35
CA PRO A 54 26.69 -1.76 12.10
C PRO A 54 27.11 -2.54 10.83
N VAL A 55 28.34 -2.30 10.38
CA VAL A 55 28.95 -3.01 9.22
C VAL A 55 28.86 -4.49 9.55
N GLY A 56 28.47 -5.32 8.58
CA GLY A 56 28.44 -6.78 8.76
C GLY A 56 27.19 -7.32 9.46
N THR A 57 26.16 -6.49 9.54
CA THR A 57 24.88 -6.79 10.22
C THR A 57 23.72 -6.52 9.25
N ALA A 58 22.52 -7.02 9.60
CA ALA A 58 21.28 -6.80 8.84
C ALA A 58 20.19 -6.50 9.86
N LYS A 59 19.41 -5.44 9.61
CA LYS A 59 18.24 -5.04 10.42
C LYS A 59 17.02 -4.97 9.50
N THR A 60 15.93 -5.63 9.88
CA THR A 60 14.65 -5.61 9.13
C THR A 60 13.76 -4.49 9.68
N VAL A 61 13.16 -3.70 8.79
CA VAL A 61 12.09 -2.72 9.14
C VAL A 61 10.95 -3.00 8.16
N MET A 62 9.76 -3.23 8.72
N MET A 62 9.76 -3.23 8.72
CA MET A 62 8.52 -3.52 7.96
CA MET A 62 8.52 -3.53 7.95
C MET A 62 7.99 -2.20 7.37
C MET A 62 7.96 -2.23 7.38
N CYS A 63 7.83 -2.16 6.05
CA CYS A 63 6.88 -1.27 5.33
C CYS A 63 5.54 -2.01 5.27
N GLY A 64 4.56 -1.57 6.06
CA GLY A 64 3.32 -2.33 6.31
C GLY A 64 3.62 -3.76 6.71
N THR A 65 3.37 -4.72 5.82
CA THR A 65 3.71 -6.16 6.02
C THR A 65 4.88 -6.57 5.12
N TYR A 66 5.47 -5.63 4.35
CA TYR A 66 6.54 -5.96 3.39
C TYR A 66 7.90 -5.74 4.08
N PRO A 67 8.70 -6.81 4.36
CA PRO A 67 10.00 -6.62 5.01
C PRO A 67 11.11 -6.08 4.09
N VAL A 68 11.76 -5.03 4.58
CA VAL A 68 13.02 -4.47 4.01
C VAL A 68 14.15 -4.86 4.96
N ILE A 69 15.07 -5.69 4.48
CA ILE A 69 16.28 -6.15 5.23
C ILE A 69 17.41 -5.23 4.84
N HIS A 70 17.79 -4.32 5.74
CA HIS A 70 18.94 -3.40 5.56
C HIS A 70 20.23 -4.16 5.88
N ALA A 71 21.01 -4.55 4.87
CA ALA A 71 22.25 -5.33 5.05
C ALA A 71 23.42 -4.43 4.72
N VAL A 72 24.36 -4.31 5.65
CA VAL A 72 25.49 -3.33 5.54
C VAL A 72 26.76 -4.12 5.18
N GLY A 73 27.04 -4.23 3.89
CA GLY A 73 28.35 -4.70 3.44
C GLY A 73 29.40 -3.64 3.75
N PRO A 74 30.66 -4.04 3.93
CA PRO A 74 31.75 -3.11 4.15
C PRO A 74 32.12 -2.25 2.93
N ASN A 75 32.59 -1.02 3.18
CA ASN A 75 33.29 -0.16 2.20
C ASN A 75 34.76 -0.59 2.15
N PHE A 76 35.14 -1.33 1.11
CA PHE A 76 36.53 -1.87 0.95
C PHE A 76 37.60 -0.77 0.87
N SER A 77 37.20 0.47 0.58
CA SER A 77 38.07 1.67 0.63
C SER A 77 38.56 1.93 2.06
N ASN A 78 37.79 1.51 3.07
CA ASN A 78 38.06 1.79 4.51
C ASN A 78 38.65 0.56 5.21
N TYR A 79 38.41 -0.65 4.69
CA TYR A 79 38.85 -1.93 5.30
C TYR A 79 40.08 -2.47 4.55
N THR A 80 40.81 -3.41 5.16
CA THR A 80 41.82 -4.27 4.48
C THR A 80 41.06 -5.35 3.70
N GLU A 81 41.72 -5.99 2.72
CA GLU A 81 41.09 -7.10 1.95
C GLU A 81 40.57 -8.17 2.90
N SER A 82 41.39 -8.55 3.89
CA SER A 82 41.08 -9.65 4.85
C SER A 82 39.86 -9.30 5.72
N GLU A 83 39.86 -8.11 6.32
CA GLU A 83 38.82 -7.65 7.27
C GLU A 83 37.53 -7.34 6.50
N GLY A 84 37.66 -6.73 5.33
CA GLY A 84 36.54 -6.47 4.39
C GLY A 84 35.84 -7.76 3.99
N ASP A 85 36.62 -8.81 3.70
CA ASP A 85 36.10 -10.13 3.27
C ASP A 85 35.32 -10.76 4.43
N ARG A 86 35.80 -10.57 5.66
CA ARG A 86 35.16 -11.09 6.90
C ARG A 86 33.81 -10.40 7.11
N GLU A 87 33.76 -9.06 6.98
CA GLU A 87 32.51 -8.28 7.21
C GLU A 87 31.46 -8.58 6.12
N LEU A 88 31.91 -8.79 4.89
CA LEU A 88 31.03 -9.06 3.72
C LEU A 88 30.42 -10.44 3.88
N ALA A 89 31.21 -11.44 4.25
CA ALA A 89 30.72 -12.78 4.64
C ALA A 89 29.69 -12.64 5.76
N ALA A 90 29.93 -11.82 6.78
CA ALA A 90 29.05 -11.75 7.97
C ALA A 90 27.67 -11.14 7.57
N ALA A 91 27.67 -10.15 6.71
CA ALA A 91 26.44 -9.38 6.34
C ALA A 91 25.48 -10.37 5.69
N TYR A 92 25.99 -11.15 4.75
CA TYR A 92 25.21 -12.19 4.04
C TYR A 92 24.68 -13.21 5.04
N ARG A 93 25.46 -13.63 6.04
CA ARG A 93 24.99 -14.61 7.08
C ARG A 93 23.79 -14.02 7.85
N GLU A 94 23.84 -12.72 8.16
CA GLU A 94 22.79 -12.00 8.92
C GLU A 94 21.53 -11.89 8.05
N VAL A 95 21.71 -11.72 6.74
CA VAL A 95 20.58 -11.71 5.77
C VAL A 95 19.84 -13.06 5.84
N ALA A 96 20.58 -14.17 5.90
CA ALA A 96 20.04 -15.54 5.96
C ALA A 96 19.19 -15.76 7.23
N LYS A 97 19.70 -15.32 8.39
CA LYS A 97 18.99 -15.41 9.70
C LYS A 97 17.68 -14.61 9.62
N GLU A 98 17.72 -13.41 9.04
CA GLU A 98 16.52 -12.55 8.87
C GLU A 98 15.53 -13.24 7.93
N VAL A 99 15.99 -13.68 6.76
CA VAL A 99 15.08 -14.33 5.77
C VAL A 99 14.40 -15.53 6.46
N THR A 100 15.15 -16.32 7.22
CA THR A 100 14.58 -17.48 7.96
C THR A 100 13.55 -16.97 8.99
N ARG A 101 13.93 -15.99 9.81
CA ARG A 101 13.05 -15.45 10.88
C ARG A 101 11.71 -14.98 10.27
N LEU A 102 11.75 -14.34 9.11
CA LEU A 102 10.55 -13.70 8.47
C LEU A 102 9.67 -14.74 7.77
N GLY A 103 10.13 -15.99 7.69
CA GLY A 103 9.33 -17.14 7.19
C GLY A 103 9.04 -17.04 5.70
N VAL A 104 9.63 -16.07 4.99
CA VAL A 104 9.27 -15.76 3.57
C VAL A 104 9.64 -16.93 2.64
N ASN A 105 8.96 -17.04 1.51
CA ASN A 105 9.22 -18.04 0.45
C ASN A 105 10.25 -17.53 -0.56
N SER A 106 10.50 -16.21 -0.59
CA SER A 106 11.40 -15.60 -1.59
C SER A 106 11.97 -14.25 -1.09
N VAL A 107 13.11 -13.88 -1.65
CA VAL A 107 13.91 -12.66 -1.31
C VAL A 107 14.57 -12.14 -2.59
N ALA A 108 14.51 -10.82 -2.79
CA ALA A 108 15.29 -10.07 -3.79
C ALA A 108 16.54 -9.52 -3.11
N ILE A 109 17.71 -9.74 -3.72
N ILE A 109 17.71 -9.82 -3.68
CA ILE A 109 19.03 -9.42 -3.08
CA ILE A 109 19.05 -9.45 -3.11
C ILE A 109 19.99 -8.87 -4.13
C ILE A 109 19.89 -8.78 -4.19
N PRO A 110 20.70 -7.76 -3.84
CA PRO A 110 21.74 -7.25 -4.74
C PRO A 110 23.08 -7.86 -4.29
N LEU A 111 24.13 -7.72 -5.11
CA LEU A 111 25.50 -8.13 -4.68
C LEU A 111 26.10 -7.04 -3.79
N LEU A 112 26.17 -7.28 -2.49
CA LEU A 112 26.69 -6.29 -1.51
C LEU A 112 28.16 -5.96 -1.85
N SER A 113 28.55 -4.71 -1.70
CA SER A 113 29.94 -4.23 -1.73
C SER A 113 30.53 -4.27 -3.15
N THR A 114 29.70 -4.29 -4.20
CA THR A 114 30.19 -4.40 -5.61
C THR A 114 30.13 -3.05 -6.34
N GLY A 115 29.45 -2.05 -5.79
CA GLY A 115 29.37 -0.69 -6.36
C GLY A 115 30.34 0.26 -5.68
N VAL A 116 29.84 1.37 -5.14
CA VAL A 116 30.72 2.43 -4.58
C VAL A 116 31.42 1.89 -3.32
N TYR A 117 31.01 0.75 -2.77
CA TYR A 117 31.70 0.14 -1.59
C TYR A 117 32.78 -0.84 -2.05
N SER A 118 33.01 -1.01 -3.35
CA SER A 118 33.96 -2.03 -3.87
C SER A 118 35.44 -1.61 -3.72
N GLY A 119 35.74 -0.37 -3.35
CA GLY A 119 37.13 0.15 -3.40
C GLY A 119 37.77 0.04 -4.79
N GLY A 120 36.97 0.24 -5.84
CA GLY A 120 37.40 0.21 -7.25
C GLY A 120 38.02 -1.12 -7.64
N LYS A 121 37.30 -2.23 -7.36
CA LYS A 121 37.71 -3.61 -7.70
C LYS A 121 36.47 -4.43 -8.08
N ASP A 122 36.62 -5.41 -8.98
CA ASP A 122 35.54 -6.35 -9.38
C ASP A 122 35.43 -7.42 -8.28
N ARG A 123 34.31 -7.43 -7.53
CA ARG A 123 34.09 -8.34 -6.38
C ARG A 123 32.83 -9.20 -6.63
N LEU A 124 32.49 -9.44 -7.91
CA LEU A 124 31.29 -10.22 -8.33
C LEU A 124 31.34 -11.62 -7.70
N THR A 125 32.38 -12.40 -8.03
CA THR A 125 32.55 -13.80 -7.56
C THR A 125 32.71 -13.81 -6.04
N GLN A 126 33.50 -12.88 -5.49
CA GLN A 126 33.70 -12.74 -4.02
C GLN A 126 32.34 -12.53 -3.36
N SER A 127 31.59 -11.50 -3.79
CA SER A 127 30.27 -11.17 -3.20
C SER A 127 29.28 -12.31 -3.46
N LEU A 128 29.20 -12.78 -4.71
CA LEU A 128 28.25 -13.87 -5.10
C LEU A 128 28.53 -15.16 -4.31
N ASN A 129 29.79 -15.53 -4.12
CA ASN A 129 30.14 -16.79 -3.40
C ASN A 129 29.77 -16.66 -1.93
N HIS A 130 29.92 -15.46 -1.34
CA HIS A 130 29.47 -15.20 0.05
C HIS A 130 27.94 -15.27 0.14
N LEU A 131 27.25 -14.74 -0.88
CA LEU A 131 25.77 -14.85 -0.98
C LEU A 131 25.39 -16.34 -0.94
N PHE A 132 25.99 -17.16 -1.81
CA PHE A 132 25.71 -18.62 -1.91
C PHE A 132 25.96 -19.29 -0.55
N THR A 133 27.13 -19.06 0.06
CA THR A 133 27.55 -19.68 1.35
C THR A 133 26.49 -19.40 2.43
N ALA A 134 25.94 -18.18 2.45
CA ALA A 134 24.89 -17.77 3.42
C ALA A 134 23.55 -18.38 3.04
N MET A 135 23.08 -18.24 1.81
CA MET A 135 21.68 -18.56 1.40
C MET A 135 21.50 -20.05 1.05
N ASP A 136 22.57 -20.83 0.83
CA ASP A 136 22.45 -22.27 0.45
C ASP A 136 21.74 -23.10 1.53
N SER A 137 21.83 -22.72 2.82
CA SER A 137 21.15 -23.41 3.94
C SER A 137 19.72 -22.89 4.14
N THR A 138 19.24 -21.95 3.33
CA THR A 138 17.83 -21.49 3.46
C THR A 138 17.01 -22.15 2.36
N ASP A 139 15.70 -22.11 2.49
CA ASP A 139 14.78 -22.71 1.49
C ASP A 139 13.93 -21.62 0.82
N ALA A 140 14.36 -20.37 0.87
CA ALA A 140 13.69 -19.28 0.11
C ALA A 140 14.16 -19.33 -1.33
N ASP A 141 13.29 -19.05 -2.31
CA ASP A 141 13.74 -18.70 -3.68
C ASP A 141 14.50 -17.37 -3.61
N VAL A 142 15.72 -17.33 -4.15
CA VAL A 142 16.62 -16.14 -4.16
C VAL A 142 16.69 -15.59 -5.59
N VAL A 143 16.39 -14.31 -5.75
CA VAL A 143 16.44 -13.60 -7.04
C VAL A 143 17.44 -12.47 -6.87
N ILE A 144 18.55 -12.55 -7.56
CA ILE A 144 19.67 -11.57 -7.47
C ILE A 144 19.36 -10.48 -8.49
N TYR A 145 19.40 -9.22 -8.10
CA TYR A 145 19.16 -8.08 -9.02
C TYR A 145 20.49 -7.40 -9.35
N CYS A 146 20.68 -7.08 -10.64
CA CYS A 146 21.88 -6.33 -11.14
C CYS A 146 21.44 -5.31 -12.19
N ARG A 147 22.33 -4.40 -12.57
CA ARG A 147 22.03 -3.30 -13.52
C ARG A 147 22.71 -3.57 -14.88
N ASP A 148 23.77 -4.37 -14.93
CA ASP A 148 24.71 -4.51 -16.09
C ASP A 148 24.61 -5.89 -16.74
N LYS A 149 24.47 -5.91 -18.08
CA LYS A 149 24.24 -7.15 -18.88
C LYS A 149 25.40 -8.13 -18.71
N GLU A 150 26.63 -7.63 -18.59
CA GLU A 150 27.85 -8.48 -18.41
C GLU A 150 27.91 -9.04 -16.98
N TRP A 151 27.41 -8.30 -15.99
CA TRP A 151 27.19 -8.83 -14.61
C TRP A 151 26.07 -9.88 -14.67
N GLU A 152 24.96 -9.56 -15.34
CA GLU A 152 23.83 -10.50 -15.55
C GLU A 152 24.35 -11.83 -16.11
N LYS A 153 25.12 -11.76 -17.19
CA LYS A 153 25.68 -12.93 -17.92
C LYS A 153 26.47 -13.82 -16.95
N LYS A 154 27.43 -13.24 -16.24
CA LYS A 154 28.40 -13.99 -15.37
C LYS A 154 27.67 -14.55 -14.13
N ILE A 155 26.70 -13.83 -13.58
CA ILE A 155 25.92 -14.31 -12.39
C ILE A 155 25.19 -15.60 -12.78
N SER A 156 24.44 -15.57 -13.89
CA SER A 156 23.69 -16.75 -14.41
C SER A 156 24.68 -17.89 -14.69
N GLU A 157 25.78 -17.59 -15.39
CA GLU A 157 26.92 -18.52 -15.62
C GLU A 157 27.24 -19.23 -14.31
N ALA A 158 27.41 -18.46 -13.23
CA ALA A 158 27.80 -19.00 -11.90
C ALA A 158 26.66 -19.82 -11.30
N ILE A 159 25.42 -19.34 -11.45
CA ILE A 159 24.24 -20.10 -10.98
C ILE A 159 24.17 -21.43 -11.74
N GLN A 160 24.11 -21.38 -13.09
CA GLN A 160 23.96 -22.57 -13.96
C GLN A 160 25.03 -23.64 -13.66
N MET A 161 26.28 -23.23 -13.41
CA MET A 161 27.44 -24.11 -13.10
C MET A 161 27.28 -24.98 -11.84
N ARG A 162 26.25 -24.73 -11.02
CA ARG A 162 25.98 -25.46 -9.76
C ARG A 162 24.88 -26.51 -10.00
N THR A 163 24.02 -26.29 -11.01
CA THR A 163 22.87 -27.16 -11.38
C THR A 163 23.37 -28.31 -12.27
N PRO B 5 -17.77 -16.33 -25.71
CA PRO B 5 -16.82 -15.28 -26.09
C PRO B 5 -17.52 -13.95 -26.39
N SER B 6 -17.02 -12.86 -25.80
CA SER B 6 -17.61 -11.51 -25.96
C SER B 6 -16.52 -10.44 -26.11
N TYR B 7 -16.96 -9.20 -26.33
CA TYR B 7 -16.14 -7.96 -26.35
C TYR B 7 -16.71 -6.99 -25.31
N ARG B 8 -15.85 -6.35 -24.51
CA ARG B 8 -16.24 -5.26 -23.58
C ARG B 8 -15.22 -4.12 -23.69
N VAL B 9 -15.59 -2.93 -23.22
CA VAL B 9 -14.69 -1.76 -23.16
C VAL B 9 -14.74 -1.25 -21.72
N LYS B 10 -13.58 -0.90 -21.16
CA LYS B 10 -13.43 -0.33 -19.80
C LYS B 10 -12.54 0.92 -19.88
N ARG B 11 -12.99 2.02 -19.28
CA ARG B 11 -12.29 3.33 -19.36
C ARG B 11 -11.35 3.48 -18.16
N MET B 12 -10.28 2.68 -18.14
CA MET B 12 -9.21 2.68 -17.11
C MET B 12 -7.89 2.25 -17.76
N ASP B 13 -6.76 2.53 -17.09
CA ASP B 13 -5.40 2.14 -17.56
C ASP B 13 -5.36 0.61 -17.73
N ILE B 14 -4.79 0.13 -18.84
CA ILE B 14 -4.65 -1.32 -19.15
C ILE B 14 -3.66 -1.95 -18.16
N ALA B 15 -2.83 -1.12 -17.49
CA ALA B 15 -1.88 -1.51 -16.43
C ALA B 15 -2.62 -1.95 -15.15
N LYS B 16 -3.97 -1.94 -15.15
CA LYS B 16 -4.84 -2.33 -14.01
C LYS B 16 -5.69 -3.56 -14.36
N ASN B 17 -5.61 -4.04 -15.61
CA ASN B 17 -6.55 -5.04 -16.20
C ASN B 17 -6.64 -6.30 -15.32
N ASP B 18 -7.75 -7.03 -15.43
CA ASP B 18 -8.10 -8.20 -14.58
C ASP B 18 -8.18 -9.48 -15.44
N GLU B 19 -7.67 -9.44 -16.67
CA GLU B 19 -7.66 -10.60 -17.60
C GLU B 19 -6.40 -11.43 -17.37
N GLU B 20 -6.33 -12.61 -17.98
CA GLU B 20 -5.20 -13.56 -17.83
C GLU B 20 -3.92 -12.91 -18.37
N CYS B 21 -4.02 -12.11 -19.45
CA CYS B 21 -2.87 -11.52 -20.19
C CYS B 21 -3.19 -10.10 -20.67
N VAL B 22 -2.15 -9.37 -21.12
CA VAL B 22 -2.27 -7.98 -21.61
C VAL B 22 -1.55 -7.86 -22.95
N VAL B 23 -2.03 -6.96 -23.82
CA VAL B 23 -1.32 -6.51 -25.04
C VAL B 23 -0.68 -5.15 -24.74
N ASN B 24 0.65 -5.07 -24.80
CA ASN B 24 1.43 -3.82 -24.73
C ASN B 24 1.53 -3.17 -26.12
N ALA B 25 1.07 -1.93 -26.26
CA ALA B 25 1.25 -1.11 -27.47
C ALA B 25 2.73 -0.70 -27.50
N ALA B 26 3.56 -1.50 -28.18
CA ALA B 26 5.01 -1.56 -27.99
C ALA B 26 5.75 -0.75 -29.04
N ASN B 27 7.01 -0.39 -28.78
CA ASN B 27 7.91 0.08 -29.86
C ASN B 27 8.79 -1.08 -30.24
N PRO B 28 9.31 -1.05 -31.47
CA PRO B 28 10.05 -2.19 -32.01
C PRO B 28 11.42 -2.48 -31.40
N ARG B 29 11.98 -1.56 -30.61
CA ARG B 29 13.33 -1.78 -30.02
C ARG B 29 13.15 -2.27 -28.58
N GLY B 30 11.91 -2.46 -28.15
CA GLY B 30 11.60 -3.01 -26.81
C GLY B 30 11.88 -2.01 -25.70
N LEU B 31 11.66 -0.72 -25.94
CA LEU B 31 11.94 0.39 -24.99
C LEU B 31 10.68 0.68 -24.21
N PRO B 32 10.82 1.02 -22.91
CA PRO B 32 9.69 1.39 -22.06
C PRO B 32 8.69 2.41 -22.62
N GLY B 33 9.16 3.41 -23.36
CA GLY B 33 8.30 4.36 -24.10
C GLY B 33 7.24 5.06 -23.23
N ASP B 34 6.31 5.77 -23.87
CA ASP B 34 5.32 6.66 -23.21
C ASP B 34 3.95 6.49 -23.88
N GLY B 35 2.89 6.54 -23.08
CA GLY B 35 1.49 6.22 -23.47
C GLY B 35 0.97 5.03 -22.70
N VAL B 36 0.24 4.13 -23.37
CA VAL B 36 -0.13 2.78 -22.83
C VAL B 36 1.13 2.17 -22.19
N CYS B 37 2.27 2.25 -22.89
CA CYS B 37 3.54 1.51 -22.62
C CYS B 37 4.24 1.99 -21.32
N LYS B 38 3.79 3.09 -20.70
CA LYS B 38 4.51 3.83 -19.62
C LYS B 38 4.39 3.09 -18.27
N ALA B 39 3.23 3.17 -17.63
CA ALA B 39 2.88 2.37 -16.43
C ALA B 39 2.96 0.87 -16.76
N VAL B 40 3.04 0.51 -18.05
CA VAL B 40 3.15 -0.90 -18.50
C VAL B 40 4.56 -1.41 -18.20
N TYR B 41 5.60 -0.63 -18.49
CA TYR B 41 7.00 -0.97 -18.10
C TYR B 41 7.07 -1.05 -16.56
N LYS B 42 6.52 -0.04 -15.88
CA LYS B 42 6.52 0.06 -14.40
C LYS B 42 5.77 -1.14 -13.80
N LYS B 43 4.70 -1.57 -14.45
CA LYS B 43 3.86 -2.71 -13.96
C LYS B 43 4.53 -4.06 -14.23
N TRP B 44 5.10 -4.25 -15.42
CA TRP B 44 5.59 -5.58 -15.87
C TRP B 44 7.02 -5.48 -16.42
N PRO B 45 7.99 -5.01 -15.61
CA PRO B 45 9.32 -4.68 -16.13
C PRO B 45 10.09 -5.89 -16.69
N GLU B 46 9.88 -7.06 -16.07
CA GLU B 46 10.50 -8.35 -16.43
C GLU B 46 10.12 -8.72 -17.88
N SER B 47 8.93 -8.31 -18.33
CA SER B 47 8.41 -8.63 -19.69
C SER B 47 9.17 -7.87 -20.78
N PHE B 48 10.00 -6.86 -20.47
CA PHE B 48 10.75 -6.08 -21.49
C PHE B 48 12.11 -6.70 -21.84
N LYS B 49 12.48 -7.81 -21.23
CA LYS B 49 13.73 -8.54 -21.57
C LYS B 49 13.56 -9.16 -22.95
N ASN B 50 14.35 -8.72 -23.93
CA ASN B 50 14.36 -9.28 -25.31
C ASN B 50 12.94 -9.20 -25.89
N SER B 51 12.25 -8.08 -25.68
CA SER B 51 10.87 -7.84 -26.16
C SER B 51 10.88 -7.20 -27.57
N ALA B 52 12.04 -6.82 -28.10
CA ALA B 52 12.22 -6.21 -29.43
C ALA B 52 11.65 -7.14 -30.51
N THR B 53 10.81 -6.59 -31.40
CA THR B 53 10.12 -7.31 -32.50
C THR B 53 9.72 -6.30 -33.59
N PRO B 54 9.77 -6.66 -34.89
CA PRO B 54 9.52 -5.69 -35.95
C PRO B 54 8.10 -5.11 -35.97
N VAL B 55 7.94 -3.95 -36.60
CA VAL B 55 6.60 -3.33 -36.85
C VAL B 55 5.75 -4.37 -37.56
N GLY B 56 4.50 -4.47 -37.14
CA GLY B 56 3.54 -5.42 -37.73
C GLY B 56 3.61 -6.84 -37.15
N THR B 57 4.35 -7.03 -36.07
CA THR B 57 4.52 -8.34 -35.38
C THR B 57 4.09 -8.21 -33.92
N ALA B 58 3.96 -9.35 -33.23
CA ALA B 58 3.67 -9.42 -31.79
C ALA B 58 4.60 -10.49 -31.18
N LYS B 59 5.15 -10.23 -30.01
CA LYS B 59 6.07 -11.17 -29.33
C LYS B 59 5.66 -11.23 -27.86
N THR B 60 5.46 -12.43 -27.34
CA THR B 60 5.06 -12.67 -25.93
C THR B 60 6.31 -12.86 -25.07
N VAL B 61 6.38 -12.12 -23.98
CA VAL B 61 7.38 -12.34 -22.91
C VAL B 61 6.59 -12.48 -21.60
N MET B 62 6.90 -13.54 -20.84
CA MET B 62 6.24 -13.88 -19.55
C MET B 62 6.78 -12.95 -18.46
N CYS B 63 5.88 -12.27 -17.73
CA CYS B 63 6.15 -11.63 -16.42
C CYS B 63 5.69 -12.62 -15.34
N GLY B 64 6.64 -13.41 -14.81
CA GLY B 64 6.30 -14.55 -13.93
C GLY B 64 5.50 -15.59 -14.71
N THR B 65 4.20 -15.70 -14.42
CA THR B 65 3.23 -16.54 -15.18
C THR B 65 2.19 -15.66 -15.91
N TYR B 66 2.34 -14.34 -15.87
CA TYR B 66 1.47 -13.38 -16.60
C TYR B 66 2.07 -13.09 -17.98
N PRO B 67 1.45 -13.52 -19.11
CA PRO B 67 1.97 -13.28 -20.45
C PRO B 67 1.70 -11.84 -20.87
N VAL B 68 2.74 -11.17 -21.35
CA VAL B 68 2.66 -9.80 -21.92
C VAL B 68 2.92 -9.92 -23.42
N ILE B 69 1.92 -9.57 -24.24
CA ILE B 69 2.00 -9.64 -25.73
C ILE B 69 2.42 -8.25 -26.22
N HIS B 70 3.65 -8.13 -26.65
CA HIS B 70 4.26 -6.90 -27.22
C HIS B 70 3.85 -6.83 -28.69
N ALA B 71 2.84 -6.01 -29.01
CA ALA B 71 2.35 -5.82 -30.39
C ALA B 71 2.85 -4.46 -30.90
N VAL B 72 3.53 -4.44 -32.03
CA VAL B 72 4.11 -3.19 -32.60
C VAL B 72 3.23 -2.67 -33.77
N GLY B 73 2.25 -1.83 -33.43
CA GLY B 73 1.52 -1.04 -34.42
C GLY B 73 2.45 -0.03 -35.09
N PRO B 74 2.20 0.37 -36.36
CA PRO B 74 3.06 1.32 -37.04
C PRO B 74 2.86 2.72 -36.44
N ASN B 75 3.94 3.49 -36.41
CA ASN B 75 3.93 4.97 -36.22
C ASN B 75 3.55 5.61 -37.57
N PHE B 76 2.36 6.16 -37.67
CA PHE B 76 1.85 6.77 -38.93
C PHE B 76 2.61 8.07 -39.30
N SER B 77 3.49 8.57 -38.41
CA SER B 77 4.42 9.69 -38.69
C SER B 77 5.57 9.20 -39.58
N ASN B 78 5.73 7.89 -39.73
CA ASN B 78 6.83 7.29 -40.54
C ASN B 78 6.28 6.52 -41.73
N TYR B 79 5.09 5.92 -41.60
CA TYR B 79 4.45 5.08 -42.65
C TYR B 79 3.42 5.92 -43.41
N THR B 80 3.26 5.64 -44.71
CA THR B 80 2.12 6.10 -45.53
C THR B 80 0.84 5.46 -44.99
N GLU B 81 -0.33 6.02 -45.30
CA GLU B 81 -1.65 5.49 -44.87
C GLU B 81 -1.81 4.05 -45.35
N SER B 82 -1.40 3.77 -46.60
CA SER B 82 -1.47 2.43 -47.26
C SER B 82 -0.58 1.43 -46.52
N GLU B 83 0.72 1.72 -46.41
CA GLU B 83 1.68 0.81 -45.75
C GLU B 83 1.33 0.71 -44.26
N GLY B 84 0.93 1.81 -43.63
CA GLY B 84 0.62 1.83 -42.21
C GLY B 84 -0.58 0.96 -41.91
N ASP B 85 -1.59 0.98 -42.80
CA ASP B 85 -2.85 0.25 -42.61
C ASP B 85 -2.57 -1.26 -42.66
N ARG B 86 -1.67 -1.69 -43.55
CA ARG B 86 -1.25 -3.11 -43.68
C ARG B 86 -0.54 -3.56 -42.40
N GLU B 87 0.42 -2.76 -41.91
CA GLU B 87 1.21 -3.12 -40.70
C GLU B 87 0.28 -3.15 -39.48
N LEU B 88 -0.72 -2.26 -39.42
CA LEU B 88 -1.68 -2.22 -38.29
C LEU B 88 -2.50 -3.52 -38.28
N ALA B 89 -3.02 -3.94 -39.43
CA ALA B 89 -3.75 -5.21 -39.65
C ALA B 89 -2.88 -6.38 -39.20
N ALA B 90 -1.62 -6.41 -39.64
CA ALA B 90 -0.67 -7.51 -39.35
C ALA B 90 -0.41 -7.61 -37.82
N ALA B 91 -0.17 -6.49 -37.14
CA ALA B 91 0.10 -6.48 -35.68
C ALA B 91 -1.05 -7.20 -34.95
N TYR B 92 -2.29 -6.82 -35.26
CA TYR B 92 -3.51 -7.37 -34.62
C TYR B 92 -3.66 -8.87 -34.93
N ARG B 93 -3.31 -9.30 -36.15
CA ARG B 93 -3.38 -10.73 -36.56
C ARG B 93 -2.37 -11.55 -35.73
N GLU B 94 -1.18 -11.00 -35.49
N GLU B 94 -1.19 -10.98 -35.49
CA GLU B 94 -0.13 -11.66 -34.67
CA GLU B 94 -0.12 -11.61 -34.69
C GLU B 94 -0.60 -11.75 -33.22
C GLU B 94 -0.59 -11.73 -33.22
N VAL B 95 -1.38 -10.77 -32.74
CA VAL B 95 -1.95 -10.79 -31.37
C VAL B 95 -2.93 -11.98 -31.28
N ALA B 96 -3.72 -12.23 -32.33
CA ALA B 96 -4.70 -13.34 -32.40
C ALA B 96 -3.96 -14.68 -32.32
N LYS B 97 -2.91 -14.87 -33.12
CA LYS B 97 -2.06 -16.09 -33.14
C LYS B 97 -1.52 -16.36 -31.73
N GLU B 98 -1.08 -15.32 -31.02
CA GLU B 98 -0.42 -15.42 -29.69
C GLU B 98 -1.46 -15.74 -28.62
N VAL B 99 -2.57 -14.98 -28.57
CA VAL B 99 -3.71 -15.25 -27.64
C VAL B 99 -4.16 -16.71 -27.83
N THR B 100 -4.13 -17.22 -29.07
CA THR B 100 -4.48 -18.62 -29.41
C THR B 100 -3.41 -19.58 -28.85
N ARG B 101 -2.15 -19.42 -29.28
CA ARG B 101 -0.99 -20.27 -28.85
C ARG B 101 -0.98 -20.38 -27.32
N LEU B 102 -1.25 -19.28 -26.62
CA LEU B 102 -1.17 -19.18 -25.13
C LEU B 102 -2.34 -19.94 -24.48
N GLY B 103 -3.45 -20.12 -25.20
CA GLY B 103 -4.64 -20.83 -24.68
C GLY B 103 -5.35 -20.06 -23.58
N VAL B 104 -5.08 -18.77 -23.41
CA VAL B 104 -5.79 -17.91 -22.42
C VAL B 104 -7.31 -17.85 -22.71
N ASN B 105 -8.10 -17.55 -21.67
CA ASN B 105 -9.59 -17.43 -21.72
C ASN B 105 -9.95 -15.95 -21.75
N SER B 106 -8.97 -15.07 -21.63
CA SER B 106 -9.23 -13.63 -21.80
C SER B 106 -7.94 -12.84 -22.04
N VAL B 107 -8.10 -11.57 -22.43
CA VAL B 107 -7.00 -10.65 -22.84
C VAL B 107 -7.50 -9.22 -22.76
N ALA B 108 -6.67 -8.34 -22.22
CA ALA B 108 -6.82 -6.87 -22.24
C ALA B 108 -6.02 -6.34 -23.44
N ILE B 109 -6.60 -5.42 -24.20
N ILE B 109 -6.64 -5.46 -24.23
CA ILE B 109 -5.99 -4.91 -25.46
CA ILE B 109 -6.06 -4.89 -25.49
C ILE B 109 -6.32 -3.41 -25.64
C ILE B 109 -6.31 -3.39 -25.54
N PRO B 110 -5.30 -2.56 -25.91
CA PRO B 110 -5.52 -1.16 -26.22
C PRO B 110 -5.74 -1.04 -27.74
N LEU B 111 -6.15 0.14 -28.19
CA LEU B 111 -6.28 0.45 -29.64
C LEU B 111 -4.90 0.88 -30.14
N LEU B 112 -4.24 -0.05 -30.81
CA LEU B 112 -2.88 0.14 -31.37
C LEU B 112 -2.91 1.32 -32.36
N SER B 113 -1.82 2.09 -32.36
CA SER B 113 -1.55 3.23 -33.27
C SER B 113 -2.54 4.40 -33.07
N THR B 114 -3.29 4.50 -31.96
CA THR B 114 -4.28 5.61 -31.77
C THR B 114 -3.68 6.75 -30.93
N GLY B 115 -2.45 6.60 -30.43
CA GLY B 115 -1.84 7.53 -29.45
C GLY B 115 -0.71 8.29 -30.09
N VAL B 116 0.48 8.27 -29.50
CA VAL B 116 1.70 8.94 -30.05
C VAL B 116 2.08 8.38 -31.42
N TYR B 117 1.58 7.19 -31.81
CA TYR B 117 1.82 6.61 -33.17
C TYR B 117 0.72 7.01 -34.19
N SER B 118 -0.27 7.83 -33.83
CA SER B 118 -1.45 8.19 -34.68
C SER B 118 -1.09 9.13 -35.86
N GLY B 119 0.09 9.75 -35.84
CA GLY B 119 0.44 10.91 -36.71
C GLY B 119 -0.62 12.02 -36.67
N GLY B 120 -1.23 12.29 -35.51
CA GLY B 120 -2.15 13.42 -35.30
C GLY B 120 -3.59 13.15 -35.75
N LYS B 121 -3.93 11.94 -36.17
CA LYS B 121 -5.31 11.66 -36.66
C LYS B 121 -6.07 10.76 -35.66
N ASP B 122 -7.40 10.86 -35.67
CA ASP B 122 -8.35 10.00 -34.91
C ASP B 122 -8.42 8.66 -35.66
N ARG B 123 -8.00 7.55 -35.02
CA ARG B 123 -7.94 6.22 -35.69
C ARG B 123 -8.73 5.18 -34.93
N LEU B 124 -9.75 5.62 -34.16
CA LEU B 124 -10.60 4.74 -33.32
C LEU B 124 -11.22 3.65 -34.20
N THR B 125 -11.89 4.04 -35.30
CA THR B 125 -12.66 3.10 -36.16
C THR B 125 -11.67 2.25 -36.96
N GLN B 126 -10.58 2.84 -37.48
CA GLN B 126 -9.51 2.07 -38.16
C GLN B 126 -8.98 0.99 -37.20
N SER B 127 -8.60 1.38 -35.98
CA SER B 127 -7.84 0.48 -35.08
C SER B 127 -8.79 -0.63 -34.61
N LEU B 128 -9.99 -0.23 -34.17
CA LEU B 128 -11.03 -1.13 -33.60
C LEU B 128 -11.51 -2.13 -34.65
N ASN B 129 -11.48 -1.76 -35.94
CA ASN B 129 -11.95 -2.61 -37.07
C ASN B 129 -10.90 -3.70 -37.34
N HIS B 130 -9.61 -3.33 -37.32
CA HIS B 130 -8.49 -4.29 -37.45
C HIS B 130 -8.47 -5.24 -36.24
N LEU B 131 -8.86 -4.75 -35.07
CA LEU B 131 -8.94 -5.51 -33.80
C LEU B 131 -10.00 -6.61 -33.97
N PHE B 132 -11.23 -6.22 -34.32
CA PHE B 132 -12.37 -7.14 -34.59
C PHE B 132 -11.95 -8.17 -35.65
N THR B 133 -11.39 -7.71 -36.78
CA THR B 133 -10.99 -8.59 -37.91
C THR B 133 -10.01 -9.70 -37.47
N ALA B 134 -9.10 -9.41 -36.53
CA ALA B 134 -8.12 -10.42 -36.08
C ALA B 134 -8.78 -11.28 -35.00
N MET B 135 -9.46 -10.66 -34.05
CA MET B 135 -9.89 -11.30 -32.78
C MET B 135 -11.24 -12.01 -32.96
N ASP B 136 -11.94 -11.80 -34.08
CA ASP B 136 -13.31 -12.36 -34.31
C ASP B 136 -13.24 -13.89 -34.32
N SER B 137 -12.17 -14.46 -34.91
CA SER B 137 -11.99 -15.94 -35.08
C SER B 137 -11.37 -16.57 -33.84
N THR B 138 -11.05 -15.78 -32.82
CA THR B 138 -10.54 -16.31 -31.54
C THR B 138 -11.73 -16.53 -30.61
N ASP B 139 -11.55 -17.38 -29.59
CA ASP B 139 -12.64 -17.70 -28.64
C ASP B 139 -12.31 -17.11 -27.26
N ALA B 140 -11.28 -16.27 -27.11
CA ALA B 140 -10.94 -15.65 -25.80
C ALA B 140 -11.90 -14.49 -25.54
N ASP B 141 -12.22 -14.18 -24.28
CA ASP B 141 -12.97 -12.94 -23.96
C ASP B 141 -12.02 -11.77 -24.16
N VAL B 142 -12.45 -10.74 -24.90
CA VAL B 142 -11.60 -9.55 -25.20
C VAL B 142 -12.11 -8.36 -24.42
N VAL B 143 -11.24 -7.67 -23.69
CA VAL B 143 -11.58 -6.42 -22.95
C VAL B 143 -10.72 -5.32 -23.52
N ILE B 144 -11.34 -4.30 -24.09
CA ILE B 144 -10.64 -3.19 -24.78
C ILE B 144 -10.51 -2.07 -23.75
N TYR B 145 -9.30 -1.55 -23.54
CA TYR B 145 -9.01 -0.48 -22.56
C TYR B 145 -8.79 0.85 -23.31
N CYS B 146 -9.29 1.93 -22.73
CA CYS B 146 -9.24 3.32 -23.26
C CYS B 146 -9.23 4.31 -22.09
N ARG B 147 -8.91 5.59 -22.34
CA ARG B 147 -8.90 6.64 -21.28
C ARG B 147 -10.10 7.59 -21.43
N ASP B 148 -10.44 8.02 -22.66
CA ASP B 148 -11.39 9.13 -22.91
C ASP B 148 -12.85 8.65 -22.89
N LYS B 149 -13.76 9.53 -22.44
CA LYS B 149 -15.21 9.23 -22.28
C LYS B 149 -15.81 9.00 -23.67
N GLU B 150 -15.50 9.87 -24.62
CA GLU B 150 -16.05 9.81 -26.00
C GLU B 150 -15.65 8.49 -26.65
N TRP B 151 -14.40 8.06 -26.45
CA TRP B 151 -13.85 6.83 -27.08
C TRP B 151 -14.64 5.62 -26.54
N GLU B 152 -14.78 5.53 -25.21
CA GLU B 152 -15.55 4.45 -24.52
C GLU B 152 -16.94 4.33 -25.18
N LYS B 153 -17.63 5.46 -25.34
CA LYS B 153 -19.00 5.55 -25.92
C LYS B 153 -18.99 4.95 -27.34
N LYS B 154 -18.08 5.42 -28.21
CA LYS B 154 -17.99 4.96 -29.62
C LYS B 154 -17.66 3.45 -29.73
N ILE B 155 -16.70 2.99 -28.93
CA ILE B 155 -16.26 1.56 -28.91
C ILE B 155 -17.46 0.68 -28.51
N SER B 156 -18.19 1.11 -27.48
CA SER B 156 -19.40 0.41 -26.95
C SER B 156 -20.46 0.28 -28.05
N GLU B 157 -20.75 1.38 -28.76
CA GLU B 157 -21.74 1.44 -29.87
C GLU B 157 -21.40 0.38 -30.92
N ALA B 158 -20.13 0.34 -31.35
CA ALA B 158 -19.59 -0.58 -32.37
C ALA B 158 -19.81 -2.03 -31.93
N ILE B 159 -19.53 -2.34 -30.66
CA ILE B 159 -19.62 -3.72 -30.07
C ILE B 159 -21.09 -4.17 -30.01
N GLN B 160 -22.01 -3.29 -29.59
CA GLN B 160 -23.46 -3.62 -29.46
C GLN B 160 -24.10 -3.70 -30.84
N MET B 161 -23.62 -2.89 -31.80
CA MET B 161 -24.14 -2.81 -33.19
C MET B 161 -23.89 -4.14 -33.93
N ARG B 162 -22.93 -4.95 -33.46
CA ARG B 162 -22.49 -6.21 -34.11
C ARG B 162 -22.79 -7.43 -33.22
N THR B 163 -23.41 -7.24 -32.04
CA THR B 163 -23.77 -8.32 -31.09
C THR B 163 -25.21 -8.13 -30.59
N GLY C 1 -20.44 8.00 16.22
CA GLY C 1 -19.49 7.01 16.81
C GLY C 1 -20.04 6.32 18.04
N ALA C 2 -19.73 5.02 18.22
CA ALA C 2 -20.13 4.18 19.37
C ALA C 2 -19.46 4.72 20.66
N MET C 3 -20.12 4.51 21.81
CA MET C 3 -19.67 4.92 23.18
C MET C 3 -18.34 4.24 23.54
N ALA C 4 -18.18 2.97 23.16
CA ALA C 4 -16.98 2.15 23.45
C ALA C 4 -16.67 1.33 22.20
N PRO C 5 -15.98 1.93 21.20
CA PRO C 5 -15.74 1.29 19.91
C PRO C 5 -15.04 -0.07 20.14
N SER C 6 -15.63 -1.12 19.57
CA SER C 6 -15.24 -2.55 19.69
C SER C 6 -14.94 -3.12 18.29
N TYR C 7 -14.21 -4.24 18.24
CA TYR C 7 -14.17 -5.18 17.09
C TYR C 7 -14.92 -6.45 17.50
N ARG C 8 -15.68 -7.04 16.58
CA ARG C 8 -16.27 -8.40 16.73
C ARG C 8 -16.20 -9.09 15.37
N VAL C 9 -16.33 -10.41 15.35
CA VAL C 9 -16.31 -11.20 14.09
C VAL C 9 -17.56 -12.06 14.11
N LYS C 10 -18.13 -12.31 12.94
CA LYS C 10 -19.39 -13.08 12.79
C LYS C 10 -19.24 -14.00 11.59
N ARG C 11 -19.41 -15.32 11.80
CA ARG C 11 -19.43 -16.32 10.73
C ARG C 11 -20.85 -16.36 10.19
N MET C 12 -21.11 -15.68 9.08
CA MET C 12 -22.48 -15.26 8.68
C MET C 12 -22.43 -14.56 7.32
N ASP C 13 -23.52 -14.62 6.59
CA ASP C 13 -23.72 -13.88 5.31
C ASP C 13 -23.77 -12.37 5.62
N ILE C 14 -22.85 -11.60 5.02
CA ILE C 14 -22.69 -10.14 5.31
C ILE C 14 -23.95 -9.40 4.81
N ALA C 15 -24.69 -9.98 3.87
CA ALA C 15 -25.95 -9.43 3.30
C ALA C 15 -27.04 -9.33 4.39
N LYS C 16 -26.86 -10.02 5.53
N LYS C 16 -26.89 -10.04 5.51
CA LYS C 16 -27.83 -10.08 6.65
CA LYS C 16 -27.87 -10.04 6.64
C LYS C 16 -27.27 -9.34 7.88
C LYS C 16 -27.25 -9.37 7.88
N ASN C 17 -26.27 -8.47 7.70
CA ASN C 17 -25.58 -7.74 8.79
C ASN C 17 -26.58 -6.85 9.56
N ASP C 18 -26.30 -6.60 10.84
CA ASP C 18 -27.10 -5.72 11.73
C ASP C 18 -26.29 -4.44 12.03
N GLU C 19 -25.55 -3.92 11.05
CA GLU C 19 -24.72 -2.68 11.23
C GLU C 19 -25.28 -1.57 10.35
N GLU C 20 -24.83 -0.32 10.53
CA GLU C 20 -25.41 0.89 9.90
C GLU C 20 -24.88 1.10 8.47
N CYS C 21 -23.85 0.36 8.07
CA CYS C 21 -23.37 0.36 6.66
C CYS C 21 -22.56 -0.90 6.38
N VAL C 22 -22.36 -1.22 5.11
CA VAL C 22 -21.68 -2.47 4.74
C VAL C 22 -20.57 -2.15 3.75
N VAL C 23 -19.49 -2.92 3.83
CA VAL C 23 -18.37 -2.82 2.87
C VAL C 23 -18.56 -4.00 1.91
N ASN C 24 -18.70 -3.68 0.63
CA ASN C 24 -18.76 -4.67 -0.49
C ASN C 24 -17.34 -4.90 -1.00
N ALA C 25 -16.86 -6.15 -0.99
CA ALA C 25 -15.51 -6.52 -1.49
C ALA C 25 -15.57 -6.41 -3.01
N ALA C 26 -15.47 -5.18 -3.50
CA ALA C 26 -15.80 -4.79 -4.87
C ALA C 26 -14.67 -5.19 -5.80
N ASN C 27 -14.90 -5.00 -7.10
CA ASN C 27 -13.90 -5.16 -8.18
C ASN C 27 -13.81 -3.83 -8.92
N PRO C 28 -12.69 -3.54 -9.64
CA PRO C 28 -12.49 -2.22 -10.25
C PRO C 28 -13.65 -1.74 -11.13
N ARG C 29 -14.27 -2.65 -11.89
CA ARG C 29 -15.35 -2.35 -12.87
C ARG C 29 -16.69 -2.15 -12.14
N GLY C 30 -16.81 -2.63 -10.89
CA GLY C 30 -18.02 -2.49 -10.06
C GLY C 30 -19.15 -3.37 -10.56
N LEU C 31 -18.85 -4.64 -10.86
CA LEU C 31 -19.81 -5.66 -11.35
C LEU C 31 -19.96 -6.76 -10.28
N PRO C 32 -21.04 -7.56 -10.31
CA PRO C 32 -21.30 -8.56 -9.25
C PRO C 32 -20.17 -9.56 -9.01
N GLY C 33 -19.78 -10.34 -10.03
CA GLY C 33 -18.69 -11.34 -9.95
C GLY C 33 -19.03 -12.48 -9.00
N ASP C 34 -18.23 -12.66 -7.95
CA ASP C 34 -18.27 -13.83 -7.03
C ASP C 34 -17.53 -13.50 -5.73
N GLY C 35 -17.24 -14.51 -4.90
CA GLY C 35 -16.86 -14.33 -3.48
C GLY C 35 -18.05 -13.83 -2.69
N VAL C 36 -17.83 -13.12 -1.58
CA VAL C 36 -18.90 -12.47 -0.76
C VAL C 36 -19.67 -11.44 -1.60
N CYS C 37 -19.11 -11.01 -2.74
CA CYS C 37 -19.55 -9.82 -3.56
C CYS C 37 -20.93 -10.04 -4.21
N LYS C 38 -21.33 -11.29 -4.49
CA LYS C 38 -22.57 -11.60 -5.28
C LYS C 38 -23.81 -11.54 -4.36
N ALA C 39 -23.75 -12.18 -3.18
CA ALA C 39 -24.76 -12.08 -2.09
C ALA C 39 -25.12 -10.61 -1.86
N VAL C 40 -24.10 -9.74 -1.79
CA VAL C 40 -24.20 -8.27 -1.58
C VAL C 40 -25.00 -7.67 -2.74
N TYR C 41 -24.73 -8.08 -3.98
CA TYR C 41 -25.44 -7.63 -5.22
C TYR C 41 -26.95 -7.92 -5.11
N LYS C 42 -27.31 -9.10 -4.59
CA LYS C 42 -28.73 -9.58 -4.53
C LYS C 42 -29.50 -8.81 -3.45
N LYS C 43 -28.82 -8.36 -2.39
CA LYS C 43 -29.46 -7.63 -1.26
C LYS C 43 -29.62 -6.14 -1.59
N TRP C 44 -28.57 -5.50 -2.13
CA TRP C 44 -28.53 -4.04 -2.38
C TRP C 44 -28.22 -3.74 -3.84
N PRO C 45 -28.94 -4.36 -4.82
CA PRO C 45 -28.66 -4.14 -6.24
C PRO C 45 -28.70 -2.67 -6.70
N GLU C 46 -29.40 -1.82 -5.94
CA GLU C 46 -29.55 -0.35 -6.20
C GLU C 46 -28.19 0.36 -6.04
N SER C 47 -27.26 -0.24 -5.29
CA SER C 47 -25.97 0.37 -4.86
C SER C 47 -24.88 0.25 -5.93
N PHE C 48 -25.12 -0.48 -7.02
CA PHE C 48 -24.11 -0.83 -8.04
C PHE C 48 -24.20 0.09 -9.27
N LYS C 49 -25.06 1.11 -9.23
CA LYS C 49 -25.14 2.16 -10.28
C LYS C 49 -24.08 3.23 -9.98
N ASN C 50 -23.11 3.39 -10.89
CA ASN C 50 -21.96 4.33 -10.78
C ASN C 50 -21.11 3.93 -9.57
N SER C 51 -20.88 2.61 -9.39
CA SER C 51 -20.11 2.02 -8.27
C SER C 51 -18.63 1.85 -8.66
N ALA C 52 -18.33 1.77 -9.96
CA ALA C 52 -16.95 1.57 -10.48
C ALA C 52 -15.93 2.50 -9.79
N THR C 53 -14.80 1.95 -9.34
CA THR C 53 -13.75 2.67 -8.56
C THR C 53 -12.46 1.85 -8.59
N PRO C 54 -11.27 2.50 -8.72
CA PRO C 54 -10.01 1.77 -8.92
C PRO C 54 -9.49 1.00 -7.70
N VAL C 55 -8.62 0.01 -7.93
CA VAL C 55 -7.88 -0.73 -6.87
C VAL C 55 -7.31 0.30 -5.87
N GLY C 56 -7.37 -0.02 -4.58
CA GLY C 56 -6.84 0.83 -3.48
C GLY C 56 -7.72 2.02 -3.15
N THR C 57 -9.01 1.96 -3.52
CA THR C 57 -10.01 3.04 -3.28
C THR C 57 -11.36 2.44 -2.83
N ALA C 58 -12.24 3.31 -2.30
CA ALA C 58 -13.61 3.00 -1.85
C ALA C 58 -14.58 4.08 -2.36
N LYS C 59 -15.70 3.63 -2.94
CA LYS C 59 -16.78 4.47 -3.54
C LYS C 59 -18.13 4.12 -2.90
N THR C 60 -18.62 4.99 -2.01
CA THR C 60 -19.89 4.78 -1.27
C THR C 60 -21.09 5.15 -2.16
N VAL C 61 -22.00 4.21 -2.39
CA VAL C 61 -23.33 4.43 -3.02
C VAL C 61 -24.41 4.18 -1.95
N MET C 62 -25.54 4.89 -2.04
N MET C 62 -25.55 4.85 -2.08
CA MET C 62 -26.67 4.80 -1.08
CA MET C 62 -26.67 4.80 -1.11
C MET C 62 -27.79 3.92 -1.67
C MET C 62 -27.80 3.93 -1.68
N CYS C 63 -28.05 2.76 -1.05
CA CYS C 63 -29.27 1.92 -1.25
C CYS C 63 -30.37 2.49 -0.35
N GLY C 64 -31.26 3.30 -0.93
CA GLY C 64 -32.19 4.17 -0.17
C GLY C 64 -31.39 5.14 0.70
N THR C 65 -31.31 4.87 2.01
CA THR C 65 -30.45 5.63 2.96
C THR C 65 -29.35 4.72 3.53
N TYR C 66 -29.29 3.44 3.11
CA TYR C 66 -28.31 2.46 3.64
C TYR C 66 -27.02 2.54 2.83
N PRO C 67 -25.88 2.97 3.43
CA PRO C 67 -24.62 3.12 2.70
C PRO C 67 -23.95 1.78 2.38
N VAL C 68 -23.65 1.54 1.10
CA VAL C 68 -22.86 0.37 0.63
C VAL C 68 -21.52 0.96 0.18
N ILE C 69 -20.42 0.64 0.87
CA ILE C 69 -19.04 1.07 0.51
C ILE C 69 -18.38 0.02 -0.38
N HIS C 70 -18.17 0.33 -1.65
CA HIS C 70 -17.48 -0.54 -2.63
C HIS C 70 -15.97 -0.32 -2.45
N ALA C 71 -15.27 -1.30 -1.91
CA ALA C 71 -13.83 -1.20 -1.60
C ALA C 71 -13.09 -2.19 -2.48
N VAL C 72 -12.14 -1.70 -3.26
CA VAL C 72 -11.36 -2.53 -4.23
C VAL C 72 -9.97 -2.83 -3.64
N GLY C 73 -9.86 -3.97 -2.98
CA GLY C 73 -8.57 -4.59 -2.64
C GLY C 73 -7.85 -5.06 -3.90
N PRO C 74 -6.51 -5.20 -3.87
CA PRO C 74 -5.77 -5.71 -5.04
C PRO C 74 -6.01 -7.20 -5.27
N ASN C 75 -5.96 -7.62 -6.53
CA ASN C 75 -5.84 -9.05 -6.90
C ASN C 75 -4.37 -9.43 -6.96
N PHE C 76 -3.92 -10.32 -6.08
CA PHE C 76 -2.49 -10.69 -5.93
C PHE C 76 -1.99 -11.59 -7.08
N SER C 77 -2.89 -11.97 -8.00
CA SER C 77 -2.56 -12.61 -9.31
C SER C 77 -1.99 -11.56 -10.27
N ASN C 78 -2.39 -10.30 -10.12
CA ASN C 78 -1.97 -9.16 -10.99
C ASN C 78 -1.26 -8.10 -10.13
N TYR C 79 -0.58 -8.50 -9.07
CA TYR C 79 0.16 -7.59 -8.16
C TYR C 79 1.39 -8.29 -7.59
N THR C 80 2.53 -7.59 -7.53
CA THR C 80 3.70 -8.04 -6.75
C THR C 80 3.28 -8.02 -5.26
N GLU C 81 3.97 -8.76 -4.40
CA GLU C 81 3.72 -8.69 -2.94
C GLU C 81 3.90 -7.24 -2.47
N SER C 82 4.93 -6.55 -2.95
CA SER C 82 5.25 -5.15 -2.55
C SER C 82 4.08 -4.21 -2.88
N GLU C 83 3.69 -4.12 -4.15
CA GLU C 83 2.67 -3.13 -4.64
C GLU C 83 1.27 -3.49 -4.10
N GLY C 84 0.96 -4.79 -4.06
CA GLY C 84 -0.29 -5.32 -3.48
C GLY C 84 -0.43 -4.93 -2.01
N ASP C 85 0.62 -5.15 -1.21
CA ASP C 85 0.61 -4.77 0.21
C ASP C 85 0.19 -3.29 0.37
N ARG C 86 0.70 -2.41 -0.49
CA ARG C 86 0.45 -0.95 -0.38
C ARG C 86 -0.98 -0.65 -0.85
N GLU C 87 -1.44 -1.30 -1.92
CA GLU C 87 -2.83 -1.16 -2.46
C GLU C 87 -3.83 -1.64 -1.41
N LEU C 88 -3.53 -2.76 -0.72
CA LEU C 88 -4.41 -3.34 0.32
C LEU C 88 -4.53 -2.36 1.50
N ALA C 89 -3.41 -1.85 2.01
CA ALA C 89 -3.39 -0.80 3.05
C ALA C 89 -4.27 0.38 2.61
N ALA C 90 -4.10 0.86 1.36
CA ALA C 90 -4.81 2.05 0.82
C ALA C 90 -6.32 1.79 0.77
N ALA C 91 -6.74 0.61 0.35
CA ALA C 91 -8.18 0.25 0.25
C ALA C 91 -8.82 0.37 1.63
N TYR C 92 -8.14 -0.08 2.66
CA TYR C 92 -8.69 -0.07 4.04
C TYR C 92 -8.71 1.37 4.58
N ARG C 93 -7.69 2.17 4.28
CA ARG C 93 -7.65 3.61 4.67
C ARG C 93 -8.85 4.34 4.05
N GLU C 94 -9.17 4.04 2.79
CA GLU C 94 -10.32 4.67 2.09
C GLU C 94 -11.62 4.24 2.76
N VAL C 95 -11.72 2.96 3.17
CA VAL C 95 -12.92 2.47 3.89
C VAL C 95 -13.07 3.31 5.15
N ALA C 96 -12.00 3.51 5.95
CA ALA C 96 -12.04 4.28 7.21
C ALA C 96 -12.54 5.71 6.95
N LYS C 97 -12.03 6.33 5.88
CA LYS C 97 -12.43 7.69 5.44
C LYS C 97 -13.95 7.75 5.21
N GLU C 98 -14.46 6.84 4.40
CA GLU C 98 -15.89 6.73 4.05
C GLU C 98 -16.72 6.49 5.31
N VAL C 99 -16.29 5.55 6.17
CA VAL C 99 -17.02 5.28 7.42
C VAL C 99 -17.11 6.59 8.21
N THR C 100 -16.01 7.33 8.27
CA THR C 100 -15.94 8.58 9.07
C THR C 100 -16.93 9.58 8.45
N ARG C 101 -16.86 9.77 7.13
CA ARG C 101 -17.69 10.75 6.39
C ARG C 101 -19.17 10.46 6.62
N LEU C 102 -19.59 9.19 6.61
CA LEU C 102 -21.02 8.82 6.73
C LEU C 102 -21.51 9.08 8.14
N GLY C 103 -20.61 9.21 9.12
CA GLY C 103 -20.99 9.53 10.51
C GLY C 103 -21.67 8.35 11.19
N VAL C 104 -21.62 7.15 10.60
CA VAL C 104 -22.28 5.90 11.11
C VAL C 104 -21.59 5.43 12.39
N ASN C 105 -22.27 4.64 13.22
CA ASN C 105 -21.75 4.16 14.53
C ASN C 105 -21.27 2.71 14.44
N SER C 106 -21.54 2.02 13.34
CA SER C 106 -21.12 0.62 13.11
C SER C 106 -20.92 0.39 11.60
N VAL C 107 -20.06 -0.59 11.28
CA VAL C 107 -19.84 -1.06 9.88
C VAL C 107 -19.60 -2.58 9.85
N ALA C 108 -20.13 -3.24 8.81
CA ALA C 108 -19.89 -4.65 8.45
C ALA C 108 -18.85 -4.71 7.33
N ILE C 109 -17.74 -5.44 7.57
N ILE C 109 -17.79 -5.49 7.53
CA ILE C 109 -16.54 -5.49 6.68
CA ILE C 109 -16.57 -5.48 6.66
C ILE C 109 -16.11 -6.93 6.47
C ILE C 109 -16.07 -6.92 6.47
N PRO C 110 -15.78 -7.35 5.22
CA PRO C 110 -15.11 -8.62 5.00
C PRO C 110 -13.59 -8.41 4.94
N LEU C 111 -12.83 -9.49 4.98
CA LEU C 111 -11.36 -9.43 4.81
C LEU C 111 -11.03 -9.33 3.34
N LEU C 112 -10.58 -8.15 2.92
CA LEU C 112 -10.28 -7.79 1.52
C LEU C 112 -9.12 -8.67 1.04
N SER C 113 -9.15 -9.06 -0.22
CA SER C 113 -8.05 -9.72 -0.95
C SER C 113 -7.77 -11.13 -0.41
N THR C 114 -8.67 -11.76 0.34
CA THR C 114 -8.41 -13.10 0.95
C THR C 114 -9.09 -14.23 0.18
N GLY C 115 -9.88 -13.92 -0.85
CA GLY C 115 -10.64 -14.94 -1.60
C GLY C 115 -9.98 -15.26 -2.91
N VAL C 116 -10.68 -15.03 -4.02
CA VAL C 116 -10.17 -15.23 -5.41
C VAL C 116 -9.04 -14.23 -5.66
N TYR C 117 -8.91 -13.19 -4.81
CA TYR C 117 -7.92 -12.09 -4.97
C TYR C 117 -6.63 -12.44 -4.17
N SER C 118 -6.58 -13.59 -3.52
CA SER C 118 -5.49 -14.00 -2.59
C SER C 118 -4.23 -14.49 -3.35
N GLY C 119 -4.32 -14.66 -4.67
CA GLY C 119 -3.26 -15.28 -5.51
C GLY C 119 -2.82 -16.60 -4.93
N GLY C 120 -3.76 -17.34 -4.32
CA GLY C 120 -3.55 -18.66 -3.72
C GLY C 120 -2.57 -18.65 -2.58
N LYS C 121 -2.59 -17.62 -1.71
CA LYS C 121 -1.84 -17.63 -0.43
C LYS C 121 -2.81 -17.31 0.71
N ASP C 122 -2.47 -17.75 1.92
CA ASP C 122 -3.18 -17.43 3.17
C ASP C 122 -2.88 -15.98 3.59
N ARG C 123 -3.82 -15.05 3.33
CA ARG C 123 -3.67 -13.59 3.60
C ARG C 123 -4.54 -13.11 4.79
N LEU C 124 -4.98 -14.00 5.69
CA LEU C 124 -5.83 -13.67 6.87
C LEU C 124 -5.10 -12.64 7.75
N THR C 125 -3.84 -12.91 8.13
CA THR C 125 -3.10 -12.02 9.05
C THR C 125 -2.83 -10.70 8.35
N GLN C 126 -2.44 -10.76 7.08
CA GLN C 126 -2.07 -9.55 6.29
C GLN C 126 -3.31 -8.64 6.18
N SER C 127 -4.43 -9.18 5.71
CA SER C 127 -5.68 -8.41 5.50
C SER C 127 -6.16 -7.85 6.83
N LEU C 128 -6.15 -8.68 7.86
CA LEU C 128 -6.65 -8.27 9.20
C LEU C 128 -5.80 -7.14 9.82
N ASN C 129 -4.48 -7.23 9.66
CA ASN C 129 -3.51 -6.22 10.19
C ASN C 129 -3.81 -4.86 9.55
N HIS C 130 -3.96 -4.82 8.22
CA HIS C 130 -4.29 -3.59 7.46
C HIS C 130 -5.65 -3.04 7.91
N LEU C 131 -6.63 -3.92 8.16
CA LEU C 131 -7.98 -3.53 8.66
C LEU C 131 -7.83 -2.79 9.98
N PHE C 132 -7.11 -3.38 10.95
CA PHE C 132 -6.83 -2.78 12.27
C PHE C 132 -6.10 -1.44 12.11
N THR C 133 -5.05 -1.40 11.29
CA THR C 133 -4.24 -0.17 11.09
C THR C 133 -5.15 0.96 10.59
N ALA C 134 -6.05 0.71 9.63
CA ALA C 134 -6.99 1.74 9.11
C ALA C 134 -8.06 2.06 10.15
N MET C 135 -8.71 1.06 10.75
CA MET C 135 -9.96 1.24 11.54
C MET C 135 -9.74 1.63 13.02
N ASP C 136 -8.52 1.51 13.56
CA ASP C 136 -8.22 1.73 15.00
C ASP C 136 -8.39 3.21 15.37
N SER C 137 -8.25 4.14 14.40
CA SER C 137 -8.45 5.60 14.62
C SER C 137 -9.91 6.00 14.41
N THR C 138 -10.80 5.06 14.05
CA THR C 138 -12.26 5.32 13.92
C THR C 138 -12.97 4.94 15.21
N ASP C 139 -14.14 5.55 15.46
CA ASP C 139 -14.91 5.26 16.69
C ASP C 139 -16.13 4.38 16.36
N ALA C 140 -16.23 3.81 15.15
CA ALA C 140 -17.36 2.93 14.77
C ALA C 140 -17.16 1.51 15.33
N ASP C 141 -18.24 0.85 15.74
CA ASP C 141 -18.18 -0.59 16.02
C ASP C 141 -17.91 -1.27 14.68
N VAL C 142 -16.90 -2.13 14.62
CA VAL C 142 -16.51 -2.92 13.41
C VAL C 142 -16.91 -4.38 13.61
N VAL C 143 -17.63 -4.96 12.65
CA VAL C 143 -18.06 -6.36 12.70
C VAL C 143 -17.53 -7.03 11.43
N ILE C 144 -16.57 -7.93 11.61
CA ILE C 144 -15.94 -8.65 10.47
C ILE C 144 -16.79 -9.88 10.18
N TYR C 145 -17.13 -10.10 8.91
CA TYR C 145 -17.94 -11.26 8.43
C TYR C 145 -17.07 -12.24 7.67
N CYS C 146 -17.26 -13.54 7.93
CA CYS C 146 -16.54 -14.64 7.27
C CYS C 146 -17.47 -15.85 7.09
N ARG C 147 -17.01 -16.88 6.38
CA ARG C 147 -17.85 -18.04 6.01
C ARG C 147 -17.42 -19.31 6.73
N ASP C 148 -16.10 -19.54 6.82
CA ASP C 148 -15.52 -20.78 7.40
C ASP C 148 -15.15 -20.53 8.87
N LYS C 149 -15.20 -21.58 9.69
CA LYS C 149 -15.03 -21.49 11.18
C LYS C 149 -13.57 -21.44 11.64
N GLU C 150 -12.61 -21.94 10.86
CA GLU C 150 -11.16 -21.81 11.15
C GLU C 150 -10.77 -20.33 11.02
N TRP C 151 -11.28 -19.65 9.99
CA TRP C 151 -11.15 -18.18 9.78
C TRP C 151 -11.70 -17.46 11.02
N GLU C 152 -12.94 -17.76 11.40
CA GLU C 152 -13.61 -17.14 12.58
C GLU C 152 -12.74 -17.23 13.84
N LYS C 153 -12.06 -18.35 14.05
CA LYS C 153 -11.31 -18.61 15.31
C LYS C 153 -10.03 -17.77 15.31
N LYS C 154 -9.30 -17.79 14.19
CA LYS C 154 -8.03 -17.02 14.03
C LYS C 154 -8.31 -15.52 14.18
N ILE C 155 -9.40 -15.02 13.57
CA ILE C 155 -9.83 -13.57 13.65
C ILE C 155 -10.16 -13.22 15.11
N SER C 156 -10.99 -14.04 15.73
CA SER C 156 -11.42 -13.87 17.14
C SER C 156 -10.19 -13.82 18.06
N GLU C 157 -9.24 -14.73 17.86
CA GLU C 157 -8.00 -14.78 18.69
C GLU C 157 -7.25 -13.45 18.51
N ALA C 158 -7.06 -13.04 17.25
CA ALA C 158 -6.37 -11.79 16.89
C ALA C 158 -7.03 -10.62 17.63
N ILE C 159 -8.36 -10.53 17.63
CA ILE C 159 -9.07 -9.43 18.34
C ILE C 159 -8.73 -9.54 19.83
N GLN C 160 -8.73 -10.76 20.37
CA GLN C 160 -8.58 -10.98 21.84
C GLN C 160 -7.16 -10.61 22.28
N MET C 161 -6.14 -11.02 21.53
CA MET C 161 -4.71 -10.63 21.82
C MET C 161 -4.66 -9.15 22.20
N ARG C 162 -5.32 -8.27 21.42
CA ARG C 162 -5.18 -6.79 21.50
C ARG C 162 -5.95 -6.23 22.70
N THR C 163 -7.10 -6.83 23.05
CA THR C 163 -8.00 -6.37 24.13
C THR C 163 -7.31 -6.56 25.49
N PRO D 5 -6.08 31.55 33.92
CA PRO D 5 -5.43 30.31 33.45
C PRO D 5 -4.07 30.58 32.78
N SER D 6 -3.00 30.56 33.58
N SER D 6 -3.01 30.60 33.60
CA SER D 6 -1.59 30.80 33.16
CA SER D 6 -1.60 30.75 33.17
C SER D 6 -1.09 29.63 32.29
C SER D 6 -1.24 29.63 32.19
N TYR D 7 -0.40 29.96 31.19
CA TYR D 7 0.05 29.01 30.15
C TYR D 7 1.59 28.99 30.11
N ARG D 8 2.17 27.79 30.10
CA ARG D 8 3.64 27.56 29.95
C ARG D 8 3.85 26.34 29.05
N VAL D 9 5.06 26.16 28.53
CA VAL D 9 5.44 25.03 27.63
C VAL D 9 6.78 24.46 28.10
N LYS D 10 6.90 23.12 28.12
CA LYS D 10 8.14 22.41 28.47
C LYS D 10 8.42 21.46 27.32
N ARG D 11 9.68 21.38 26.89
CA ARG D 11 10.11 20.37 25.90
C ARG D 11 10.56 19.16 26.70
N MET D 12 9.63 18.28 27.10
CA MET D 12 10.00 17.01 27.77
C MET D 12 8.85 15.99 27.69
N ASP D 13 9.17 14.76 28.05
CA ASP D 13 8.22 13.62 28.17
C ASP D 13 7.09 13.99 29.16
N ILE D 14 5.85 14.02 28.66
CA ILE D 14 4.63 14.35 29.48
C ILE D 14 4.44 13.28 30.58
N ALA D 15 5.04 12.10 30.40
CA ALA D 15 4.98 10.96 31.35
C ALA D 15 5.74 11.29 32.65
N LYS D 16 6.51 12.39 32.65
CA LYS D 16 7.37 12.82 33.76
C LYS D 16 7.00 14.23 34.20
N ASN D 17 5.75 14.65 33.92
CA ASN D 17 5.22 16.01 34.20
C ASN D 17 5.16 16.24 35.72
N ASP D 18 5.00 17.51 36.13
CA ASP D 18 4.94 17.96 37.55
C ASP D 18 3.58 18.65 37.79
N GLU D 19 2.54 18.22 37.08
CA GLU D 19 1.16 18.78 37.19
C GLU D 19 0.26 17.77 37.91
N GLU D 20 -0.94 18.20 38.30
CA GLU D 20 -1.88 17.42 39.17
C GLU D 20 -2.66 16.39 38.32
N CYS D 21 -2.64 16.53 36.99
CA CYS D 21 -3.25 15.54 36.06
C CYS D 21 -2.65 15.66 34.67
N VAL D 22 -2.91 14.67 33.84
CA VAL D 22 -2.31 14.53 32.49
C VAL D 22 -3.42 14.29 31.45
N VAL D 23 -3.24 14.89 30.28
CA VAL D 23 -4.13 14.62 29.12
C VAL D 23 -3.35 13.66 28.23
N ASN D 24 -3.98 12.52 27.95
CA ASN D 24 -3.48 11.52 26.97
C ASN D 24 -4.07 11.86 25.59
N ALA D 25 -3.22 11.98 24.58
CA ALA D 25 -3.66 12.08 23.17
C ALA D 25 -4.13 10.67 22.77
N ALA D 26 -5.41 10.34 23.02
CA ALA D 26 -5.88 8.94 22.97
C ALA D 26 -6.43 8.54 21.60
N ASN D 27 -6.52 7.25 21.34
CA ASN D 27 -7.30 6.68 20.23
C ASN D 27 -8.68 6.29 20.77
N PRO D 28 -9.73 6.21 19.92
CA PRO D 28 -11.09 5.97 20.41
C PRO D 28 -11.33 4.60 21.05
N ARG D 29 -10.48 3.62 20.77
CA ARG D 29 -10.69 2.23 21.24
C ARG D 29 -9.91 1.95 22.54
N GLY D 30 -9.14 2.91 23.05
CA GLY D 30 -8.40 2.76 24.31
C GLY D 30 -7.15 1.88 24.20
N LEU D 31 -6.59 1.75 23.00
CA LEU D 31 -5.38 0.94 22.70
C LEU D 31 -4.14 1.73 23.10
N PRO D 32 -3.01 1.05 23.45
CA PRO D 32 -1.77 1.72 23.81
C PRO D 32 -1.25 2.72 22.76
N GLY D 33 -1.31 2.37 21.47
CA GLY D 33 -0.88 3.21 20.34
C GLY D 33 0.62 3.49 20.36
N ASP D 34 1.08 4.39 19.49
CA ASP D 34 2.51 4.79 19.35
C ASP D 34 2.59 6.31 19.15
N GLY D 35 3.43 6.99 19.94
CA GLY D 35 3.52 8.46 20.04
C GLY D 35 3.39 8.92 21.48
N VAL D 36 2.65 10.00 21.72
CA VAL D 36 2.36 10.53 23.10
C VAL D 36 1.62 9.45 23.90
N CYS D 37 0.76 8.64 23.26
CA CYS D 37 -0.11 7.62 23.90
C CYS D 37 0.67 6.42 24.49
N LYS D 38 1.88 6.15 23.97
CA LYS D 38 2.66 4.92 24.29
C LYS D 38 3.40 5.11 25.62
N ALA D 39 4.16 6.21 25.74
CA ALA D 39 4.82 6.66 27.00
C ALA D 39 3.78 6.74 28.12
N VAL D 40 2.58 7.24 27.79
CA VAL D 40 1.44 7.35 28.74
C VAL D 40 0.96 5.94 29.13
N TYR D 41 0.90 4.99 28.18
CA TYR D 41 0.55 3.58 28.48
C TYR D 41 1.55 2.97 29.47
N LYS D 42 2.84 3.15 29.19
CA LYS D 42 3.94 2.56 29.98
C LYS D 42 3.89 3.12 31.42
N LYS D 43 3.58 4.41 31.59
CA LYS D 43 3.60 5.12 32.89
C LYS D 43 2.31 4.87 33.69
N TRP D 44 1.13 4.87 33.06
CA TRP D 44 -0.17 4.77 33.79
C TRP D 44 -1.07 3.70 33.18
N PRO D 45 -0.57 2.46 33.02
CA PRO D 45 -1.34 1.42 32.33
C PRO D 45 -2.74 1.15 32.93
N GLU D 46 -2.92 1.33 34.24
CA GLU D 46 -4.22 1.09 34.93
C GLU D 46 -5.29 2.06 34.40
N SER D 47 -4.89 3.25 33.92
CA SER D 47 -5.83 4.31 33.43
C SER D 47 -6.50 3.88 32.10
N PHE D 48 -5.94 2.92 31.38
CA PHE D 48 -6.48 2.43 30.09
C PHE D 48 -7.62 1.42 30.30
N LYS D 49 -8.04 1.17 31.55
CA LYS D 49 -9.18 0.28 31.85
C LYS D 49 -10.46 1.03 31.46
N ASN D 50 -11.16 0.53 30.43
CA ASN D 50 -12.39 1.18 29.92
C ASN D 50 -12.08 2.67 29.64
N SER D 51 -10.98 2.97 28.95
CA SER D 51 -10.62 4.34 28.49
C SER D 51 -11.22 4.66 27.11
N ALA D 52 -11.80 3.68 26.41
CA ALA D 52 -12.38 3.87 25.05
C ALA D 52 -13.46 4.96 25.15
N THR D 53 -13.51 5.87 24.16
CA THR D 53 -14.40 7.06 24.16
C THR D 53 -14.44 7.62 22.74
N PRO D 54 -15.59 8.14 22.27
CA PRO D 54 -15.70 8.56 20.87
C PRO D 54 -14.75 9.71 20.50
N VAL D 55 -14.50 9.86 19.21
CA VAL D 55 -13.79 11.04 18.67
C VAL D 55 -14.52 12.27 19.18
N GLY D 56 -13.76 13.28 19.59
CA GLY D 56 -14.33 14.57 20.06
C GLY D 56 -14.75 14.61 21.52
N THR D 57 -14.40 13.57 22.29
CA THR D 57 -14.77 13.40 23.72
C THR D 57 -13.52 13.22 24.58
N ALA D 58 -13.68 13.37 25.90
CA ALA D 58 -12.65 13.13 26.93
C ALA D 58 -13.25 12.22 28.02
N LYS D 59 -12.48 11.22 28.46
CA LYS D 59 -12.88 10.27 29.52
C LYS D 59 -11.74 10.16 30.55
N THR D 60 -11.99 10.58 31.79
CA THR D 60 -10.98 10.57 32.88
C THR D 60 -10.99 9.19 33.57
N VAL D 61 -9.83 8.54 33.63
CA VAL D 61 -9.61 7.30 34.42
C VAL D 61 -8.46 7.53 35.39
N MET D 62 -8.68 7.20 36.67
CA MET D 62 -7.68 7.39 37.74
C MET D 62 -6.61 6.30 37.63
N CYS D 63 -5.34 6.68 37.76
CA CYS D 63 -4.24 5.77 38.16
C CYS D 63 -3.96 6.05 39.65
N GLY D 64 -4.60 5.27 40.53
CA GLY D 64 -4.63 5.56 41.97
C GLY D 64 -5.54 6.73 42.21
N THR D 65 -5.01 7.91 42.57
CA THR D 65 -5.77 9.18 42.60
C THR D 65 -5.27 10.11 41.49
N TYR D 66 -4.29 9.73 40.67
CA TYR D 66 -3.75 10.59 39.57
C TYR D 66 -4.68 10.47 38.36
N PRO D 67 -5.42 11.54 38.00
CA PRO D 67 -6.32 11.53 36.84
C PRO D 67 -5.60 11.60 35.49
N VAL D 68 -5.94 10.66 34.60
CA VAL D 68 -5.49 10.60 33.18
C VAL D 68 -6.74 10.91 32.36
N ILE D 69 -6.75 12.07 31.71
CA ILE D 69 -7.84 12.56 30.82
C ILE D 69 -7.52 12.06 29.41
N HIS D 70 -8.19 11.00 28.97
CA HIS D 70 -8.07 10.45 27.60
C HIS D 70 -8.89 11.36 26.68
N ALA D 71 -8.19 12.21 25.92
CA ALA D 71 -8.80 13.16 24.94
C ALA D 71 -8.58 12.59 23.55
N VAL D 72 -9.68 12.31 22.83
CA VAL D 72 -9.60 11.70 21.47
C VAL D 72 -9.77 12.81 20.41
N GLY D 73 -8.65 13.34 19.94
CA GLY D 73 -8.68 14.27 18.79
C GLY D 73 -8.96 13.51 17.52
N PRO D 74 -9.43 14.17 16.44
CA PRO D 74 -9.67 13.48 15.18
C PRO D 74 -8.38 13.11 14.46
N ASN D 75 -8.41 12.02 13.71
CA ASN D 75 -7.40 11.65 12.68
C ASN D 75 -7.78 12.30 11.33
N PHE D 76 -7.07 13.35 10.93
CA PHE D 76 -7.33 14.12 9.70
C PHE D 76 -7.06 13.30 8.43
N SER D 77 -6.43 12.14 8.48
CA SER D 77 -6.50 11.16 7.37
C SER D 77 -7.95 10.75 7.07
N ASN D 78 -8.84 10.74 8.08
CA ASN D 78 -10.21 10.16 7.96
C ASN D 78 -11.27 11.24 7.85
N TYR D 79 -11.09 12.36 8.56
CA TYR D 79 -12.06 13.48 8.63
C TYR D 79 -11.74 14.50 7.52
N THR D 80 -12.76 15.23 7.09
CA THR D 80 -12.61 16.44 6.25
C THR D 80 -12.08 17.55 7.15
N GLU D 81 -11.45 18.57 6.56
CA GLU D 81 -10.89 19.71 7.33
C GLU D 81 -12.01 20.30 8.18
N SER D 82 -13.22 20.45 7.63
CA SER D 82 -14.38 21.09 8.32
C SER D 82 -14.80 20.23 9.54
N GLU D 83 -15.07 18.94 9.33
CA GLU D 83 -15.56 18.05 10.43
C GLU D 83 -14.41 17.82 11.44
N GLY D 84 -13.19 17.62 10.93
CA GLY D 84 -11.97 17.47 11.76
C GLY D 84 -11.81 18.64 12.71
N ASP D 85 -11.96 19.87 12.20
CA ASP D 85 -11.82 21.12 12.99
C ASP D 85 -12.85 21.10 14.12
N ARG D 86 -14.09 20.71 13.82
CA ARG D 86 -15.22 20.65 14.79
C ARG D 86 -14.88 19.65 15.91
N GLU D 87 -14.37 18.48 15.55
CA GLU D 87 -14.07 17.39 16.54
C GLU D 87 -12.86 17.80 17.38
N LEU D 88 -11.86 18.45 16.77
CA LEU D 88 -10.66 18.91 17.53
C LEU D 88 -11.08 19.95 18.59
N ALA D 89 -12.00 20.86 18.25
CA ALA D 89 -12.49 21.89 19.19
C ALA D 89 -13.23 21.21 20.34
N ALA D 90 -14.09 20.23 20.01
CA ALA D 90 -14.90 19.45 20.96
C ALA D 90 -13.97 18.71 21.94
N ALA D 91 -12.97 17.95 21.44
CA ALA D 91 -12.01 17.22 22.31
C ALA D 91 -11.42 18.18 23.34
N TYR D 92 -10.95 19.36 22.93
CA TYR D 92 -10.39 20.35 23.88
C TYR D 92 -11.42 20.88 24.89
N ARG D 93 -12.66 21.13 24.43
CA ARG D 93 -13.77 21.61 25.29
C ARG D 93 -14.06 20.57 26.38
N GLU D 94 -14.08 19.29 26.02
CA GLU D 94 -14.35 18.16 26.96
C GLU D 94 -13.18 18.06 27.96
N VAL D 95 -11.95 18.35 27.52
CA VAL D 95 -10.76 18.37 28.44
C VAL D 95 -11.00 19.45 29.50
N ALA D 96 -11.35 20.67 29.08
CA ALA D 96 -11.60 21.81 30.00
C ALA D 96 -12.74 21.50 31.00
N LYS D 97 -13.83 20.88 30.57
CA LYS D 97 -14.96 20.52 31.47
C LYS D 97 -14.45 19.51 32.51
N GLU D 98 -13.57 18.58 32.12
CA GLU D 98 -13.04 17.54 33.04
C GLU D 98 -12.05 18.18 34.04
N VAL D 99 -11.21 19.10 33.59
CA VAL D 99 -10.26 19.84 34.47
C VAL D 99 -11.05 20.63 35.55
N THR D 100 -12.13 21.30 35.17
CA THR D 100 -12.98 22.08 36.09
C THR D 100 -13.63 21.11 37.08
N ARG D 101 -14.18 20.01 36.57
CA ARG D 101 -14.92 19.01 37.40
C ARG D 101 -13.97 18.47 38.47
N LEU D 102 -12.73 18.16 38.11
CA LEU D 102 -11.77 17.45 38.99
C LEU D 102 -11.25 18.42 40.05
N GLY D 103 -11.38 19.72 39.83
CA GLY D 103 -10.93 20.77 40.77
C GLY D 103 -9.42 20.89 40.81
N VAL D 104 -8.71 20.29 39.84
CA VAL D 104 -7.22 20.33 39.80
C VAL D 104 -6.79 21.77 39.62
N ASN D 105 -5.57 22.08 40.07
CA ASN D 105 -4.96 23.44 39.98
C ASN D 105 -4.04 23.53 38.76
N SER D 106 -3.63 22.39 38.19
CA SER D 106 -2.66 22.32 37.07
C SER D 106 -2.95 21.10 36.17
N VAL D 107 -2.42 21.10 34.95
CA VAL D 107 -2.66 20.04 33.92
C VAL D 107 -1.50 20.05 32.91
N ALA D 108 -0.99 18.86 32.57
CA ALA D 108 -0.03 18.66 31.46
C ALA D 108 -0.88 18.23 30.25
N ILE D 109 -0.72 18.91 29.11
N ILE D 109 -0.79 18.96 29.13
CA ILE D 109 -1.53 18.71 27.88
CA ILE D 109 -1.56 18.72 27.87
C ILE D 109 -0.60 18.66 26.67
C ILE D 109 -0.59 18.64 26.69
N PRO D 110 -0.76 17.65 25.77
CA PRO D 110 -0.06 17.67 24.49
C PRO D 110 -0.93 18.38 23.44
N LEU D 111 -0.40 18.61 22.27
CA LEU D 111 -1.18 19.24 21.17
C LEU D 111 -1.90 18.13 20.40
N LEU D 112 -3.19 18.01 20.62
CA LEU D 112 -4.01 16.95 20.00
C LEU D 112 -3.93 17.05 18.46
N SER D 113 -3.91 15.90 17.82
CA SER D 113 -4.03 15.74 16.34
C SER D 113 -2.86 16.37 15.58
N THR D 114 -1.73 16.70 16.24
CA THR D 114 -0.54 17.33 15.58
C THR D 114 0.48 16.28 15.13
N GLY D 115 0.29 14.99 15.44
CA GLY D 115 1.27 13.95 15.11
C GLY D 115 0.74 13.01 14.05
N VAL D 116 0.66 11.71 14.37
CA VAL D 116 0.21 10.66 13.42
C VAL D 116 -1.25 10.90 13.01
N TYR D 117 -2.01 11.77 13.70
CA TYR D 117 -3.41 12.10 13.33
C TYR D 117 -3.46 13.44 12.57
N SER D 118 -2.32 13.95 12.08
CA SER D 118 -2.22 15.27 11.38
C SER D 118 -2.61 15.14 9.89
N GLY D 119 -2.72 13.92 9.35
CA GLY D 119 -2.88 13.70 7.92
C GLY D 119 -1.74 14.36 7.13
N GLY D 120 -0.52 14.39 7.69
CA GLY D 120 0.69 14.92 7.05
C GLY D 120 0.58 16.41 6.77
N LYS D 121 0.22 17.17 7.80
CA LYS D 121 0.05 18.65 7.73
C LYS D 121 0.43 19.27 9.09
N ASP D 122 1.03 20.47 9.07
CA ASP D 122 1.40 21.26 10.27
C ASP D 122 0.10 21.78 10.91
N ARG D 123 -0.24 21.30 12.11
CA ARG D 123 -1.48 21.74 12.85
C ARG D 123 -1.17 22.43 14.19
N LEU D 124 0.09 22.85 14.38
CA LEU D 124 0.57 23.54 15.61
C LEU D 124 -0.42 24.67 15.96
N THR D 125 -0.57 25.67 15.09
CA THR D 125 -1.40 26.87 15.33
C THR D 125 -2.87 26.47 15.45
N GLN D 126 -3.33 25.51 14.63
CA GLN D 126 -4.74 25.04 14.66
C GLN D 126 -5.03 24.40 16.02
N SER D 127 -4.20 23.43 16.44
CA SER D 127 -4.38 22.67 17.72
C SER D 127 -4.21 23.63 18.91
N LEU D 128 -3.15 24.45 18.92
CA LEU D 128 -2.90 25.44 20.00
C LEU D 128 -4.07 26.42 20.19
N ASN D 129 -4.73 26.87 19.11
CA ASN D 129 -5.80 27.89 19.24
C ASN D 129 -7.09 27.23 19.75
N HIS D 130 -7.36 25.97 19.42
CA HIS D 130 -8.47 25.21 20.06
C HIS D 130 -8.21 25.05 21.57
N LEU D 131 -6.97 24.80 21.96
CA LEU D 131 -6.51 24.62 23.35
C LEU D 131 -6.76 25.91 24.15
N PHE D 132 -6.26 27.06 23.68
CA PHE D 132 -6.48 28.36 24.35
C PHE D 132 -7.97 28.61 24.54
N THR D 133 -8.76 28.43 23.47
CA THR D 133 -10.21 28.71 23.49
C THR D 133 -10.86 27.90 24.60
N ALA D 134 -10.54 26.60 24.71
CA ALA D 134 -11.17 25.71 25.72
C ALA D 134 -10.59 26.04 27.10
N MET D 135 -9.25 26.07 27.23
CA MET D 135 -8.60 26.11 28.58
C MET D 135 -8.74 27.50 29.22
N ASP D 136 -9.02 28.57 28.44
CA ASP D 136 -9.32 29.91 29.00
C ASP D 136 -10.58 29.86 29.90
N SER D 137 -11.50 28.93 29.67
CA SER D 137 -12.73 28.76 30.49
C SER D 137 -12.41 28.19 31.89
N THR D 138 -11.16 27.82 32.17
CA THR D 138 -10.70 27.25 33.47
C THR D 138 -9.82 28.26 34.20
N ASP D 139 -9.54 28.08 35.50
CA ASP D 139 -8.51 28.89 36.19
C ASP D 139 -7.33 28.02 36.64
N ALA D 140 -7.00 27.00 35.84
CA ALA D 140 -5.90 26.03 36.10
C ALA D 140 -4.63 26.49 35.40
N ASP D 141 -3.46 26.18 35.99
CA ASP D 141 -2.11 26.41 35.39
C ASP D 141 -1.86 25.33 34.34
N VAL D 142 -1.85 25.70 33.05
CA VAL D 142 -1.75 24.76 31.91
C VAL D 142 -0.29 24.68 31.46
N VAL D 143 0.25 23.47 31.36
CA VAL D 143 1.65 23.22 30.91
C VAL D 143 1.53 22.32 29.68
N ILE D 144 1.85 22.90 28.52
CA ILE D 144 1.82 22.21 27.21
C ILE D 144 3.13 21.45 27.09
N TYR D 145 3.12 20.18 26.68
CA TYR D 145 4.34 19.36 26.55
C TYR D 145 4.58 19.04 25.08
N CYS D 146 5.81 19.25 24.63
CA CYS D 146 6.26 18.99 23.22
C CYS D 146 7.63 18.31 23.28
N ARG D 147 8.09 17.76 22.16
CA ARG D 147 9.34 16.98 22.09
C ARG D 147 10.31 17.59 21.07
N ASP D 148 10.08 18.83 20.61
CA ASP D 148 10.86 19.45 19.50
C ASP D 148 10.98 20.98 19.69
N LYS D 149 12.23 21.46 19.73
CA LYS D 149 12.62 22.89 19.99
C LYS D 149 11.83 23.82 19.07
N GLU D 150 11.68 23.42 17.80
CA GLU D 150 10.89 24.17 16.77
C GLU D 150 9.50 24.49 17.35
N TRP D 151 8.77 23.45 17.78
CA TRP D 151 7.39 23.56 18.31
C TRP D 151 7.43 24.39 19.60
N GLU D 152 8.40 24.11 20.47
CA GLU D 152 8.59 24.82 21.76
C GLU D 152 8.67 26.34 21.48
N LYS D 153 9.60 26.72 20.61
CA LYS D 153 9.72 28.13 20.10
C LYS D 153 8.33 28.69 19.77
N LYS D 154 7.67 28.12 18.76
CA LYS D 154 6.38 28.65 18.22
C LYS D 154 5.34 28.70 19.36
N ILE D 155 5.31 27.65 20.20
CA ILE D 155 4.32 27.56 21.31
C ILE D 155 4.62 28.69 22.29
N SER D 156 5.90 28.86 22.64
CA SER D 156 6.34 29.93 23.57
C SER D 156 5.93 31.28 22.99
N GLU D 157 6.26 31.50 21.71
CA GLU D 157 5.89 32.74 20.97
C GLU D 157 4.37 32.95 21.10
N ALA D 158 3.58 31.92 20.84
CA ALA D 158 2.10 32.00 20.80
C ALA D 158 1.52 32.38 22.17
N ILE D 159 2.20 32.03 23.28
CA ILE D 159 1.71 32.31 24.67
C ILE D 159 1.97 33.79 25.02
N GLN D 160 3.12 34.33 24.66
CA GLN D 160 3.51 35.74 24.96
C GLN D 160 2.53 36.71 24.30
N MET D 161 2.26 36.53 23.00
CA MET D 161 1.47 37.50 22.18
C MET D 161 0.06 37.68 22.76
N ARG D 162 -0.45 36.73 23.56
CA ARG D 162 -1.84 36.78 24.10
C ARG D 162 -1.91 37.58 25.40
N THR D 163 -0.78 37.82 26.07
CA THR D 163 -0.71 38.53 27.39
C THR D 163 -0.71 40.05 27.15
S DMS E . 25.46 2.36 -0.69
O DMS E . 25.30 2.67 0.77
C1 DMS E . 26.43 0.88 -0.76
C2 DMS E . 26.64 3.50 -1.32
S DMS F . 10.85 -6.83 12.25
O DMS F . 11.12 -7.62 10.99
C1 DMS F . 10.72 -5.13 11.77
C2 DMS F . 12.40 -6.71 13.11
S DMS G . 25.17 -2.57 -5.31
O DMS G . 23.92 -2.75 -4.49
C1 DMS G . 24.94 -1.06 -6.22
C2 DMS G . 25.03 -3.69 -6.67
S DMS H . 18.53 -16.84 -13.95
O DMS H . 17.06 -17.17 -14.15
C1 DMS H . 19.18 -16.59 -15.60
C2 DMS H . 19.33 -18.39 -13.57
CL CL I . 28.00 -1.10 -2.92
C1 ISN J . 26.97 -3.65 -11.42
C2 ISN J . 27.42 -2.65 -12.27
C3 ISN J . 28.40 -1.77 -11.84
C4 ISN J . 28.93 -1.87 -10.56
C5 ISN J . 28.49 -2.84 -9.68
N1 ISN J . 26.96 -4.82 -9.47
C6 ISN J . 27.53 -3.75 -10.12
C7 ISN J . 25.99 -4.68 -11.62
C10 ISN J . 26.00 -5.45 -10.31
O8 ISN J . 25.24 -4.89 -12.62
O11 ISN J . 25.35 -6.45 -9.98
C1 ISN K . 4.30 -9.48 -12.62
C2 ISN K . 3.28 -10.40 -12.85
C3 ISN K . 1.96 -10.04 -12.67
C4 ISN K . 1.62 -8.75 -12.26
C5 ISN K . 2.61 -7.82 -12.00
N1 ISN K . 5.10 -7.44 -12.07
C6 ISN K . 3.93 -8.18 -12.19
C7 ISN K . 5.72 -9.58 -12.77
C10 ISN K . 6.22 -8.19 -12.41
O8 ISN K . 6.42 -10.56 -13.14
O11 ISN K . 7.37 -7.72 -12.43
S DMS L . -2.71 4.06 -27.02
O DMS L . -1.52 3.17 -26.75
C1 DMS L . -2.75 5.26 -25.70
C2 DMS L . -4.14 3.15 -26.55
S DMS M . 4.32 3.69 -27.70
O DMS M . 4.96 2.33 -27.71
C1 DMS M . 3.11 3.69 -29.00
C2 DMS M . 5.52 4.74 -28.47
CL CL N . 0.00 4.61 -30.02
C1 ISN O . -7.49 7.78 -26.12
C2 ISN O . -7.26 9.10 -25.73
C3 ISN O . -6.19 9.81 -26.27
C4 ISN O . -5.33 9.21 -27.19
C5 ISN O . -5.53 7.90 -27.59
N1 ISN O . -7.01 5.89 -27.27
C6 ISN O . -6.61 7.20 -27.05
C7 ISN O . -8.50 6.83 -25.72
C10 ISN O . -8.15 5.58 -26.50
O8 ISN O . -9.45 6.93 -24.91
O11 ISN O . -8.71 4.46 -26.51
S DMS P . -13.46 -12.28 0.35
O DMS P . -14.13 -10.98 -0.02
C1 DMS P . -13.84 -12.54 2.07
C2 DMS P . -14.45 -13.59 -0.33
CL CL Q . -11.35 -11.28 -2.64
C1 ISN R . -12.79 -17.36 3.75
C2 ISN R . -12.92 -18.61 3.15
C3 ISN R . -12.38 -18.83 1.89
C4 ISN R . -11.71 -17.82 1.22
C5 ISN R . -11.57 -16.56 1.79
N1 ISN R . -12.11 -15.20 3.83
C6 ISN R . -12.10 -16.35 3.05
C7 ISN R . -13.26 -16.86 5.01
C10 ISN R . -12.78 -15.42 5.03
O8 ISN R . -13.94 -17.44 5.91
O11 ISN R . -12.94 -14.55 5.92
S DMS S . 1.92 14.44 19.18
O DMS S . 2.88 13.36 19.58
C1 DMS S . 2.27 15.83 20.23
C2 DMS S . 0.35 14.01 19.89
S DMS T . -2.65 8.29 18.36
O DMS T . -3.24 7.53 19.51
C1 DMS T . -0.93 8.47 18.71
C2 DMS T . -3.13 9.97 18.61
S DMS U . -13.94 9.57 37.43
O DMS U . -12.68 10.37 37.23
C1 DMS U . -13.45 7.88 37.38
C2 DMS U . -14.83 9.64 35.88
CL CL V . -1.69 12.86 17.16
C1 ISN W . 6.01 17.42 17.59
C2 ISN W . 7.03 16.76 16.91
C3 ISN W . 6.72 15.99 15.80
C4 ISN W . 5.41 15.88 15.34
C5 ISN W . 4.38 16.53 16.00
N1 ISN W . 3.87 18.07 17.92
C6 ISN W . 4.70 17.30 17.12
C7 ISN W . 6.04 18.29 18.74
C10 ISN W . 4.61 18.71 18.94
O8 ISN W . 7.00 18.61 19.47
O11 ISN W . 4.10 19.46 19.78
#